data_5WGU
#
_entry.id   5WGU
#
_cell.length_a   79.637
_cell.length_b   121.300
_cell.length_c   170.625
_cell.angle_alpha   90.000
_cell.angle_beta   90.000
_cell.angle_gamma   90.000
#
_symmetry.space_group_name_H-M   'I 2 2 2'
#
loop_
_entity.id
_entity.type
_entity.pdbx_description
1 polymer 'Flavin-dependent halogenase'
2 non-polymer 'FLAVIN-ADENINE DINUCLEOTIDE'
3 non-polymer 'CADMIUM ION'
4 non-polymer 'ZINC ION'
5 non-polymer 'SULFATE ION'
6 non-polymer 'CHLORIDE ION'
7 non-polymer (5aS,12aS,13aS)-12,12-dimethyl-2,3,11,12,12a,13-hexahydro-1H,5H,6H-5a,13a-(epiminomethano)indolizino[7,6-b]carbazol-14-one
8 water water
#
_entity_poly.entity_id   1
_entity_poly.type   'polypeptide(L)'
_entity_poly.pdbx_seq_one_letter_code
;MAPTPKYTFTERAAAGNLSDAEILNSNNPTGSELPDESDVVVGGAGIHGLIYALHASKYKPNNLKISVIEKNTRPGYKIG
ESTLPIFYTWCKLHGISAAYLLRLFGLKDGLCFYFLDRENQGQYTDFCSVGAPGLVLASLQIERPMSELLFTILAQRNGV
NVYHGREVDFKSTVVQGGGQGNKIAVSRGKYDSTPKTIDSALFVDATGRFRQFCSKKAPRHRFDGWNCNAFWGYFTAPKD
ESKIPFDLYEGDHTNHLCFPEGWVWVIRLPSWEGSPIANLMDMVTYILECADAGVPGDELPSSEELARMFGLKFQWVTSI
GFAVRNDVKYPEDLSAYGTREAEQKFNYFVQKYELLQQFMSNFELIENLYGPGTTWFIRKTLAYQSPVVSGPGWLAIGDA
CGFTNPLYSPGINVGMSTSTWAAQLSHPIVEIGKSAPADAAESSIRKLLVPYDDYCKSLVPALEQMNRFNYVCYRDTRLG
PQVACLWQFFAGIDRYLSDVNIETFAHYAIKWVWGAMVPEYQQVAQKCIEHIETVPLDERLPDAMVDELLAFSNRIKSAA
VAADDFSLRWDAILRSFDRSLNFVEGKTSRDIYTRQCSGCGAWLQLRPDWKKCHSCGLLGTEPQTAVTFDPPLTAEEEAL
LYAAWNTAPKYDPSKELKLPTPTRPAA
;
_entity_poly.pdbx_strand_id   A
#
loop_
_chem_comp.id
_chem_comp.type
_chem_comp.name
_chem_comp.formula
CD non-polymer 'CADMIUM ION' 'Cd 2'
CL non-polymer 'CHLORIDE ION' 'Cl -1'
FAD non-polymer 'FLAVIN-ADENINE DINUCLEOTIDE' 'C27 H33 N9 O15 P2'
PM7 non-polymer (5aS,12aS,13aS)-12,12-dimethyl-2,3,11,12,12a,13-hexahydro-1H,5H,6H-5a,13a-(epiminomethano)indolizino[7,6-b]carbazol-14-one 'C21 H25 N3 O'
SO4 non-polymer 'SULFATE ION' 'O4 S -2'
ZN non-polymer 'ZINC ION' 'Zn 2'
#
# COMPACT_ATOMS: atom_id res chain seq x y z
N PRO A 3 -2.56 -31.18 1.03
CA PRO A 3 -3.86 -30.89 0.41
C PRO A 3 -3.83 -31.13 -1.08
N THR A 4 -4.65 -32.03 -1.57
CA THR A 4 -4.75 -32.23 -3.00
C THR A 4 -5.46 -31.04 -3.63
N PRO A 5 -4.93 -30.46 -4.71
CA PRO A 5 -5.58 -29.30 -5.31
C PRO A 5 -6.90 -29.69 -5.96
N LYS A 6 -7.93 -28.86 -5.71
CA LYS A 6 -9.23 -29.01 -6.33
C LYS A 6 -9.43 -27.94 -7.39
N TYR A 7 -10.32 -28.25 -8.34
CA TYR A 7 -10.61 -27.40 -9.49
C TYR A 7 -12.09 -27.04 -9.52
N THR A 8 -12.62 -26.75 -8.32
CA THR A 8 -14.06 -26.56 -8.13
C THR A 8 -14.61 -25.47 -9.04
N PHE A 9 -13.96 -24.31 -9.06
CA PHE A 9 -14.52 -23.17 -9.76
C PHE A 9 -14.29 -23.26 -11.26
N THR A 10 -13.11 -23.77 -11.66
CA THR A 10 -12.87 -23.96 -13.09
C THR A 10 -13.94 -24.86 -13.69
N GLU A 11 -14.29 -25.94 -12.99
CA GLU A 11 -15.27 -26.89 -13.52
C GLU A 11 -16.69 -26.36 -13.41
N ARG A 12 -17.00 -25.64 -12.33
CA ARG A 12 -18.31 -25.02 -12.19
C ARG A 12 -18.54 -23.98 -13.29
N ALA A 13 -17.54 -23.14 -13.57
CA ALA A 13 -17.69 -22.13 -14.62
C ALA A 13 -17.91 -22.77 -15.98
N ALA A 14 -17.18 -23.86 -16.26
CA ALA A 14 -17.36 -24.53 -17.55
C ALA A 14 -18.72 -25.23 -17.63
N ALA A 15 -19.11 -25.93 -16.55
CA ALA A 15 -20.38 -26.67 -16.57
C ALA A 15 -21.58 -25.76 -16.74
N GLY A 16 -21.53 -24.56 -16.17
CA GLY A 16 -22.65 -23.65 -16.24
C GLY A 16 -22.51 -22.51 -17.22
N ASN A 17 -21.41 -22.46 -18.00
CA ASN A 17 -21.09 -21.36 -18.91
C ASN A 17 -21.20 -20.01 -18.18
N LEU A 18 -20.58 -19.92 -17.01
CA LEU A 18 -20.81 -18.78 -16.13
C LEU A 18 -19.91 -17.60 -16.51
N SER A 19 -20.47 -16.40 -16.43
CA SER A 19 -19.70 -15.18 -16.62
C SER A 19 -18.74 -14.99 -15.45
N ASP A 20 -17.81 -14.03 -15.59
CA ASP A 20 -16.85 -13.75 -14.51
C ASP A 20 -17.57 -13.39 -13.21
N ALA A 21 -18.52 -12.47 -13.26
CA ALA A 21 -19.19 -12.07 -12.02
C ALA A 21 -19.95 -13.23 -11.40
N GLU A 22 -20.51 -14.10 -12.23
CA GLU A 22 -21.34 -15.18 -11.70
C GLU A 22 -20.49 -16.24 -10.99
N ILE A 23 -19.32 -16.57 -11.54
CA ILE A 23 -18.49 -17.59 -10.86
C ILE A 23 -17.94 -17.03 -9.56
N LEU A 24 -17.57 -15.75 -9.54
CA LEU A 24 -17.13 -15.13 -8.31
C LEU A 24 -18.24 -15.13 -7.25
N ASN A 25 -19.43 -14.68 -7.64
CA ASN A 25 -20.52 -14.54 -6.67
C ASN A 25 -21.05 -15.88 -6.18
N SER A 26 -20.81 -16.98 -6.91
CA SER A 26 -21.23 -18.30 -6.47
C SER A 26 -20.46 -18.78 -5.24
N ASN A 27 -19.37 -18.12 -4.86
CA ASN A 27 -18.64 -18.50 -3.65
C ASN A 27 -19.14 -17.76 -2.42
N ASN A 28 -20.25 -17.04 -2.50
CA ASN A 28 -20.71 -16.29 -1.34
C ASN A 28 -21.43 -17.19 -0.33
N PRO A 29 -21.16 -17.01 0.95
CA PRO A 29 -21.86 -17.81 1.98
C PRO A 29 -23.38 -17.80 1.83
N THR A 30 -23.99 -16.66 1.54
CA THR A 30 -25.45 -16.59 1.44
C THR A 30 -25.96 -16.69 0.01
N GLY A 31 -25.09 -16.98 -0.96
CA GLY A 31 -25.54 -17.27 -2.30
C GLY A 31 -25.18 -16.17 -3.28
N SER A 32 -25.45 -16.47 -4.56
CA SER A 32 -25.00 -15.61 -5.64
C SER A 32 -25.90 -14.40 -5.86
N GLU A 33 -27.12 -14.41 -5.33
CA GLU A 33 -28.05 -13.29 -5.39
C GLU A 33 -27.94 -12.43 -4.12
N LEU A 34 -28.34 -11.18 -4.25
CA LEU A 34 -28.21 -10.24 -3.13
C LEU A 34 -29.14 -10.63 -1.99
N PRO A 35 -28.74 -10.39 -0.75
CA PRO A 35 -29.68 -10.56 0.36
C PRO A 35 -30.68 -9.43 0.37
N ASP A 36 -31.86 -9.69 0.96
CA ASP A 36 -32.83 -8.62 1.17
C ASP A 36 -32.41 -7.69 2.30
N GLU A 37 -31.61 -8.16 3.25
CA GLU A 37 -31.20 -7.32 4.37
C GLU A 37 -29.81 -7.71 4.80
N SER A 38 -29.10 -6.73 5.34
CA SER A 38 -27.73 -6.85 5.82
C SER A 38 -27.56 -5.86 6.97
N ASP A 39 -26.58 -6.10 7.84
CA ASP A 39 -26.26 -5.04 8.80
C ASP A 39 -25.45 -3.94 8.15
N VAL A 40 -24.40 -4.31 7.41
CA VAL A 40 -23.51 -3.35 6.76
C VAL A 40 -23.53 -3.63 5.26
N VAL A 41 -23.65 -2.56 4.47
CA VAL A 41 -23.41 -2.63 3.03
C VAL A 41 -22.20 -1.74 2.74
N VAL A 42 -21.21 -2.30 2.05
CA VAL A 42 -19.98 -1.61 1.70
C VAL A 42 -20.03 -1.34 0.20
N GLY A 43 -19.97 -0.07 -0.19
CA GLY A 43 -19.88 0.26 -1.60
C GLY A 43 -18.44 0.30 -2.06
N GLY A 44 -18.05 -0.65 -2.91
CA GLY A 44 -16.70 -0.76 -3.43
C GLY A 44 -15.91 -1.89 -2.80
N ALA A 45 -15.39 -2.81 -3.62
CA ALA A 45 -14.47 -3.85 -3.15
C ALA A 45 -13.08 -3.59 -3.72
N GLY A 46 -12.62 -2.36 -3.60
CA GLY A 46 -11.20 -2.10 -3.74
C GLY A 46 -10.52 -2.62 -2.48
N ILE A 47 -9.24 -2.30 -2.35
CA ILE A 47 -8.49 -2.89 -1.24
C ILE A 47 -9.06 -2.46 0.11
N HIS A 48 -9.53 -1.21 0.23
CA HIS A 48 -10.00 -0.76 1.54
C HIS A 48 -11.38 -1.30 1.91
N GLY A 49 -12.32 -1.34 0.97
CA GLY A 49 -13.60 -1.98 1.25
C GLY A 49 -13.43 -3.41 1.75
N LEU A 50 -12.45 -4.14 1.20
CA LEU A 50 -12.22 -5.52 1.61
C LEU A 50 -11.44 -5.61 2.93
N ILE A 51 -10.41 -4.78 3.11
CA ILE A 51 -9.75 -4.70 4.41
C ILE A 51 -10.77 -4.41 5.50
N TYR A 52 -11.68 -3.47 5.24
CA TYR A 52 -12.74 -3.15 6.20
C TYR A 52 -13.56 -4.39 6.55
N ALA A 53 -14.04 -5.10 5.52
CA ALA A 53 -14.94 -6.23 5.77
C ALA A 53 -14.21 -7.36 6.46
N LEU A 54 -12.96 -7.62 6.06
CA LEU A 54 -12.19 -8.69 6.71
C LEU A 54 -11.92 -8.34 8.17
N HIS A 55 -11.54 -7.09 8.45
CA HIS A 55 -11.19 -6.74 9.81
C HIS A 55 -12.42 -6.71 10.70
N ALA A 56 -13.56 -6.23 10.17
CA ALA A 56 -14.80 -6.21 10.94
C ALA A 56 -15.18 -7.61 11.37
N SER A 57 -15.16 -8.56 10.43
CA SER A 57 -15.57 -9.92 10.75
C SER A 57 -14.56 -10.58 11.68
N LYS A 58 -13.27 -10.35 11.43
CA LYS A 58 -12.24 -10.97 12.27
C LYS A 58 -12.21 -10.36 13.66
N TYR A 59 -12.50 -9.06 13.78
CA TYR A 59 -12.46 -8.41 15.10
C TYR A 59 -13.51 -8.99 16.04
N LYS A 60 -14.68 -9.35 15.51
CA LYS A 60 -15.76 -9.91 16.31
C LYS A 60 -16.61 -10.77 15.40
N PRO A 61 -16.30 -12.07 15.31
CA PRO A 61 -16.96 -12.93 14.32
C PRO A 61 -18.44 -13.14 14.61
N ASN A 62 -19.20 -13.36 13.54
CA ASN A 62 -20.60 -13.78 13.62
C ASN A 62 -21.46 -12.76 14.35
N ASN A 63 -21.09 -11.48 14.22
CA ASN A 63 -21.85 -10.38 14.82
C ASN A 63 -22.55 -9.52 13.78
N LEU A 64 -21.90 -9.24 12.65
CA LEU A 64 -22.45 -8.37 11.62
C LEU A 64 -22.59 -9.14 10.32
N LYS A 65 -23.74 -9.01 9.69
CA LYS A 65 -23.91 -9.45 8.31
C LYS A 65 -23.41 -8.34 7.39
N ILE A 66 -22.44 -8.66 6.53
CA ILE A 66 -21.74 -7.66 5.72
C ILE A 66 -21.83 -8.06 4.25
N SER A 67 -22.32 -7.15 3.42
CA SER A 67 -22.31 -7.33 1.97
C SER A 67 -21.48 -6.23 1.32
N VAL A 68 -20.55 -6.63 0.44
CA VAL A 68 -19.72 -5.69 -0.31
C VAL A 68 -20.18 -5.68 -1.76
N ILE A 69 -20.42 -4.49 -2.30
CA ILE A 69 -20.95 -4.30 -3.65
C ILE A 69 -19.85 -3.68 -4.51
N GLU A 70 -19.49 -4.34 -5.62
CA GLU A 70 -18.42 -3.87 -6.50
C GLU A 70 -18.84 -3.88 -7.96
N LYS A 71 -18.69 -2.74 -8.66
CA LYS A 71 -19.24 -2.67 -10.00
C LYS A 71 -18.41 -3.43 -11.02
N ASN A 72 -17.09 -3.55 -10.84
CA ASN A 72 -16.28 -4.36 -11.73
C ASN A 72 -16.78 -5.81 -11.74
N THR A 73 -16.73 -6.44 -12.93
CA THR A 73 -17.15 -7.84 -13.09
C THR A 73 -16.17 -8.82 -12.46
N ARG A 74 -14.91 -8.43 -12.34
CA ARG A 74 -13.90 -9.17 -11.61
C ARG A 74 -12.94 -8.14 -11.04
N PRO A 75 -12.09 -8.52 -10.05
CA PRO A 75 -11.15 -7.54 -9.49
C PRO A 75 -10.43 -6.75 -10.57
N GLY A 76 -10.50 -5.43 -10.48
CA GLY A 76 -10.03 -4.59 -11.57
C GLY A 76 -8.61 -4.09 -11.37
N TYR A 77 -8.06 -3.55 -12.44
CA TYR A 77 -6.76 -2.90 -12.36
C TYR A 77 -6.84 -1.69 -11.43
N LYS A 78 -5.83 -1.51 -10.59
CA LYS A 78 -5.63 -0.31 -9.79
C LYS A 78 -4.14 -0.02 -9.76
N ILE A 79 -3.77 1.27 -9.80
CA ILE A 79 -2.41 1.65 -9.42
C ILE A 79 -2.33 1.65 -7.89
N GLY A 80 -1.12 1.45 -7.36
CA GLY A 80 -0.92 1.33 -5.92
C GLY A 80 -0.47 -0.05 -5.51
N GLU A 81 0.83 -0.33 -5.68
CA GLU A 81 1.38 -1.67 -5.62
C GLU A 81 2.36 -1.90 -4.47
N SER A 82 2.92 -0.86 -3.88
CA SER A 82 3.95 -1.04 -2.87
C SER A 82 3.31 -1.00 -1.47
N THR A 83 3.63 -1.99 -0.65
CA THR A 83 3.11 -2.07 0.72
C THR A 83 4.26 -2.19 1.72
N LEU A 84 3.94 -1.99 3.00
CA LEU A 84 4.91 -1.77 4.07
C LEU A 84 4.73 -2.81 5.18
N PRO A 85 5.66 -2.90 6.14
CA PRO A 85 5.52 -3.91 7.21
C PRO A 85 4.15 -3.91 7.88
N ILE A 86 3.49 -2.77 8.03
CA ILE A 86 2.22 -2.78 8.75
C ILE A 86 1.18 -3.57 7.99
N PHE A 87 1.22 -3.53 6.66
CA PHE A 87 0.23 -4.24 5.86
C PHE A 87 0.51 -5.74 5.92
N TYR A 88 1.77 -6.14 5.75
CA TYR A 88 2.12 -7.54 5.89
C TYR A 88 1.69 -8.08 7.25
N THR A 89 1.97 -7.34 8.32
CA THR A 89 1.60 -7.78 9.66
C THR A 89 0.09 -7.99 9.75
N TRP A 90 -0.68 -7.11 9.13
CA TRP A 90 -2.13 -7.27 9.09
C TRP A 90 -2.52 -8.55 8.36
N CYS A 91 -1.89 -8.82 7.21
CA CYS A 91 -2.14 -10.09 6.52
C CYS A 91 -1.79 -11.28 7.40
N LYS A 92 -0.68 -11.19 8.11
CA LYS A 92 -0.27 -12.30 8.95
C LYS A 92 -1.24 -12.48 10.11
N LEU A 93 -1.71 -11.38 10.70
CA LEU A 93 -2.71 -11.48 11.76
C LEU A 93 -4.02 -12.09 11.24
N HIS A 94 -4.30 -11.95 9.96
CA HIS A 94 -5.48 -12.57 9.36
C HIS A 94 -5.19 -13.94 8.78
N GLY A 95 -4.05 -14.53 9.12
CA GLY A 95 -3.77 -15.92 8.85
C GLY A 95 -3.02 -16.26 7.57
N ILE A 96 -2.35 -15.30 6.93
CA ILE A 96 -1.57 -15.56 5.72
C ILE A 96 -0.17 -14.97 5.90
N SER A 97 0.83 -15.83 6.10
CA SER A 97 2.21 -15.41 6.28
C SER A 97 2.99 -15.42 4.95
N ALA A 98 4.29 -15.12 5.04
CA ALA A 98 5.08 -14.74 3.87
C ALA A 98 5.20 -15.86 2.84
N ALA A 99 5.31 -17.12 3.29
CA ALA A 99 5.48 -18.22 2.34
C ALA A 99 4.33 -18.27 1.34
N TYR A 100 3.11 -17.95 1.80
CA TYR A 100 1.95 -18.03 0.93
C TYR A 100 1.81 -16.76 0.08
N LEU A 101 2.09 -15.60 0.69
CA LEU A 101 1.94 -14.33 0.00
C LEU A 101 2.97 -14.18 -1.12
N LEU A 102 4.20 -14.65 -0.91
CA LEU A 102 5.23 -14.56 -1.94
C LEU A 102 4.92 -15.42 -3.17
N ARG A 103 4.04 -16.42 -3.05
CA ARG A 103 3.59 -17.14 -4.24
C ARG A 103 2.81 -16.22 -5.17
N LEU A 104 2.12 -15.23 -4.60
CA LEU A 104 1.22 -14.37 -5.35
C LEU A 104 1.85 -13.03 -5.69
N PHE A 105 2.69 -12.50 -4.80
CA PHE A 105 3.15 -11.13 -4.86
C PHE A 105 4.67 -11.09 -4.92
N GLY A 106 5.22 -9.93 -5.28
CA GLY A 106 6.65 -9.76 -5.31
C GLY A 106 7.22 -9.42 -3.95
N LEU A 107 8.42 -9.92 -3.68
CA LEU A 107 9.13 -9.54 -2.47
C LEU A 107 9.58 -8.10 -2.53
N LYS A 108 9.34 -7.36 -1.45
CA LYS A 108 9.92 -6.03 -1.27
C LYS A 108 10.86 -6.07 -0.07
N ASP A 109 12.11 -5.68 -0.29
CA ASP A 109 13.08 -5.56 0.79
C ASP A 109 12.91 -4.19 1.45
N GLY A 110 13.56 -3.16 0.92
CA GLY A 110 13.51 -1.84 1.51
C GLY A 110 13.02 -0.75 0.58
N LEU A 111 13.43 0.48 0.86
CA LEU A 111 13.16 1.63 0.01
C LEU A 111 14.50 2.26 -0.37
N CYS A 112 14.68 2.55 -1.64
CA CYS A 112 15.91 3.20 -2.11
C CYS A 112 15.57 4.44 -2.92
N PHE A 113 16.41 5.46 -2.77
CA PHE A 113 16.21 6.74 -3.40
C PHE A 113 17.49 7.14 -4.11
N TYR A 114 17.37 7.61 -5.34
CA TYR A 114 18.49 8.17 -6.10
C TYR A 114 18.10 9.60 -6.48
N PHE A 115 18.97 10.53 -6.12
CA PHE A 115 18.71 11.96 -6.31
C PHE A 115 19.56 12.46 -7.46
N LEU A 116 18.91 12.90 -8.53
CA LEU A 116 19.59 13.31 -9.76
C LEU A 116 19.80 14.81 -9.74
N ASP A 117 21.06 15.22 -9.93
CA ASP A 117 21.37 16.63 -10.11
C ASP A 117 20.88 17.11 -11.48
N ARG A 118 20.07 18.17 -11.49
CA ARG A 118 19.51 18.64 -12.75
C ARG A 118 20.52 19.46 -13.55
N GLU A 119 21.28 20.30 -12.85
CA GLU A 119 22.23 21.18 -13.51
C GLU A 119 23.57 20.48 -13.76
N ASN A 120 23.82 19.34 -13.13
CA ASN A 120 25.04 18.57 -13.38
C ASN A 120 24.65 17.18 -13.83
N GLN A 121 24.19 17.06 -15.09
CA GLN A 121 23.63 15.80 -15.57
C GLN A 121 24.63 14.67 -15.41
N GLY A 122 24.17 13.55 -14.86
CA GLY A 122 25.03 12.43 -14.56
C GLY A 122 25.41 12.30 -13.10
N GLN A 123 25.38 13.39 -12.35
CA GLN A 123 25.65 13.35 -10.92
C GLN A 123 24.42 12.88 -10.16
N TYR A 124 24.64 12.04 -9.15
CA TYR A 124 23.54 11.61 -8.31
C TYR A 124 24.10 11.20 -6.95
N THR A 125 23.21 11.21 -5.96
CA THR A 125 23.48 10.61 -4.67
C THR A 125 22.36 9.64 -4.37
N ASP A 126 22.44 8.98 -3.22
CA ASP A 126 21.44 7.97 -2.94
C ASP A 126 21.15 7.93 -1.44
N PHE A 127 20.04 7.29 -1.11
CA PHE A 127 19.70 6.98 0.28
C PHE A 127 19.10 5.59 0.25
N CYS A 128 19.66 4.70 1.04
CA CYS A 128 19.38 3.28 0.86
C CYS A 128 19.01 2.68 2.21
N SER A 129 17.89 1.98 2.24
CA SER A 129 17.43 1.24 3.42
C SER A 129 17.14 -0.20 3.04
N VAL A 130 17.23 -1.08 4.04
CA VAL A 130 16.82 -2.47 3.87
C VAL A 130 15.53 -2.74 4.67
N GLY A 131 14.92 -3.89 4.41
CA GLY A 131 13.72 -4.30 5.14
C GLY A 131 13.99 -5.12 6.40
N ALA A 132 13.81 -6.44 6.32
CA ALA A 132 13.86 -7.29 7.50
C ALA A 132 14.34 -8.67 7.12
N PRO A 133 14.92 -9.42 8.05
CA PRO A 133 15.22 -10.84 7.80
C PRO A 133 13.96 -11.62 7.48
N GLY A 134 14.13 -12.69 6.69
CA GLY A 134 12.98 -13.49 6.30
C GLY A 134 12.26 -14.14 7.47
N LEU A 135 12.97 -14.41 8.56
CA LEU A 135 12.37 -14.93 9.78
C LEU A 135 11.78 -13.84 10.66
N VAL A 136 11.76 -12.59 10.19
CA VAL A 136 11.12 -11.50 10.93
C VAL A 136 9.81 -11.16 10.24
N LEU A 137 9.87 -10.62 9.02
CA LEU A 137 8.68 -10.30 8.23
C LEU A 137 9.10 -10.10 6.78
N ALA A 138 8.12 -9.72 5.94
CA ALA A 138 8.35 -9.33 4.56
C ALA A 138 7.52 -8.10 4.24
N SER A 139 7.92 -7.39 3.20
CA SER A 139 7.02 -6.45 2.55
C SER A 139 6.71 -6.96 1.14
N LEU A 140 5.70 -6.37 0.52
CA LEU A 140 5.11 -6.96 -0.69
C LEU A 140 4.89 -5.91 -1.78
N GLN A 141 5.16 -6.32 -3.02
CA GLN A 141 4.71 -5.60 -4.21
C GLN A 141 3.54 -6.38 -4.79
N ILE A 142 2.35 -5.78 -4.82
CA ILE A 142 1.11 -6.51 -5.09
C ILE A 142 0.50 -6.05 -6.41
N GLU A 143 0.17 -7.01 -7.27
CA GLU A 143 -0.71 -6.71 -8.39
C GLU A 143 -2.13 -6.60 -7.83
N ARG A 144 -2.76 -5.46 -8.06
CA ARG A 144 -3.99 -5.15 -7.34
C ARG A 144 -5.16 -6.06 -7.75
N PRO A 145 -5.32 -6.48 -9.00
CA PRO A 145 -6.36 -7.49 -9.27
C PRO A 145 -6.16 -8.78 -8.48
N MET A 146 -4.92 -9.15 -8.17
CA MET A 146 -4.67 -10.36 -7.40
C MET A 146 -4.90 -10.14 -5.91
N SER A 147 -4.51 -9.00 -5.36
CA SER A 147 -4.75 -8.76 -3.95
C SER A 147 -6.26 -8.67 -3.67
N GLU A 148 -7.00 -8.03 -4.58
CA GLU A 148 -8.44 -7.91 -4.38
C GLU A 148 -9.13 -9.26 -4.55
N LEU A 149 -8.60 -10.14 -5.41
CA LEU A 149 -9.12 -11.50 -5.47
C LEU A 149 -8.81 -12.27 -4.19
N LEU A 150 -7.56 -12.19 -3.71
CA LEU A 150 -7.19 -12.82 -2.46
C LEU A 150 -8.13 -12.41 -1.34
N PHE A 151 -8.35 -11.10 -1.18
CA PHE A 151 -9.18 -10.62 -0.09
C PHE A 151 -10.66 -10.92 -0.31
N THR A 152 -11.11 -11.03 -1.56
CA THR A 152 -12.50 -11.43 -1.84
C THR A 152 -12.72 -12.87 -1.39
N ILE A 153 -11.84 -13.79 -1.82
CA ILE A 153 -11.98 -15.20 -1.44
C ILE A 153 -11.88 -15.37 0.08
N LEU A 154 -10.92 -14.68 0.70
CA LEU A 154 -10.76 -14.80 2.15
C LEU A 154 -11.98 -14.27 2.88
N ALA A 155 -12.57 -13.18 2.36
CA ALA A 155 -13.79 -12.64 2.94
C ALA A 155 -14.94 -13.64 2.83
N GLN A 156 -15.11 -14.23 1.64
CA GLN A 156 -16.19 -15.20 1.46
C GLN A 156 -16.01 -16.41 2.37
N ARG A 157 -14.77 -16.79 2.65
CA ARG A 157 -14.48 -17.88 3.58
C ARG A 157 -14.65 -17.50 5.03
N ASN A 158 -14.90 -16.23 5.33
CA ASN A 158 -15.10 -15.75 6.68
C ASN A 158 -16.45 -15.04 6.83
N GLY A 159 -17.48 -15.55 6.15
CA GLY A 159 -18.84 -15.10 6.36
C GLY A 159 -19.20 -13.76 5.74
N VAL A 160 -18.41 -13.25 4.80
CA VAL A 160 -18.70 -11.98 4.14
C VAL A 160 -19.16 -12.26 2.72
N ASN A 161 -20.25 -11.63 2.28
CA ASN A 161 -20.66 -11.73 0.89
C ASN A 161 -20.06 -10.59 0.07
N VAL A 162 -19.50 -10.92 -1.08
CA VAL A 162 -18.93 -9.96 -2.01
C VAL A 162 -19.63 -10.16 -3.35
N TYR A 163 -20.19 -9.09 -3.92
CA TYR A 163 -20.90 -9.19 -5.18
C TYR A 163 -20.21 -8.36 -6.25
N HIS A 164 -19.56 -9.04 -7.19
CA HIS A 164 -19.00 -8.36 -8.33
C HIS A 164 -20.06 -8.17 -9.42
N GLY A 165 -19.82 -7.20 -10.31
CA GLY A 165 -20.79 -6.92 -11.35
C GLY A 165 -22.02 -6.20 -10.88
N ARG A 166 -21.98 -5.60 -9.70
CA ARG A 166 -23.14 -4.91 -9.15
C ARG A 166 -22.72 -3.51 -8.73
N GLU A 167 -23.61 -2.55 -8.94
CA GLU A 167 -23.29 -1.14 -8.76
C GLU A 167 -24.29 -0.52 -7.79
N VAL A 168 -23.79 0.22 -6.80
CA VAL A 168 -24.69 0.99 -5.95
C VAL A 168 -25.20 2.18 -6.75
N ASP A 169 -26.53 2.33 -6.79
CA ASP A 169 -27.18 3.46 -7.44
C ASP A 169 -27.32 4.58 -6.41
N PHE A 170 -26.48 5.61 -6.54
CA PHE A 170 -26.49 6.66 -5.52
C PHE A 170 -27.57 7.71 -5.73
N LYS A 171 -28.32 7.66 -6.83
CA LYS A 171 -29.48 8.54 -6.95
C LYS A 171 -30.68 8.00 -6.18
N SER A 172 -30.91 6.69 -6.21
CA SER A 172 -32.09 6.15 -5.56
C SER A 172 -31.81 5.52 -4.20
N THR A 173 -30.54 5.35 -3.83
CA THR A 173 -30.21 4.88 -2.49
C THR A 173 -30.70 5.88 -1.44
N VAL A 174 -31.23 5.35 -0.33
CA VAL A 174 -31.66 6.17 0.81
C VAL A 174 -30.82 5.77 2.02
N VAL A 175 -30.17 6.75 2.63
CA VAL A 175 -29.31 6.55 3.79
C VAL A 175 -29.77 7.52 4.87
N GLN A 176 -30.04 7.01 6.08
CA GLN A 176 -30.56 7.87 7.13
C GLN A 176 -30.28 7.24 8.49
N GLY A 177 -30.44 8.06 9.53
CA GLY A 177 -30.30 7.61 10.90
C GLY A 177 -31.57 6.97 11.43
N GLY A 178 -31.70 5.67 11.22
CA GLY A 178 -32.72 4.87 11.86
C GLY A 178 -32.11 3.60 12.43
N GLY A 179 -32.97 2.80 13.06
CA GLY A 179 -32.52 1.49 13.50
C GLY A 179 -32.06 0.63 12.33
N GLN A 180 -32.89 0.56 11.29
CA GLN A 180 -32.58 -0.09 10.02
C GLN A 180 -32.92 0.87 8.88
N GLY A 181 -32.35 2.07 8.94
CA GLY A 181 -32.80 3.16 8.11
C GLY A 181 -32.40 3.11 6.65
N ASN A 182 -31.38 2.32 6.30
CA ASN A 182 -30.83 2.40 4.95
C ASN A 182 -31.57 1.47 3.99
N LYS A 183 -31.77 1.96 2.76
CA LYS A 183 -32.28 1.17 1.65
C LYS A 183 -31.31 1.37 0.49
N ILE A 184 -30.36 0.45 0.34
CA ILE A 184 -29.29 0.59 -0.64
C ILE A 184 -29.78 -0.05 -1.94
N ALA A 185 -29.89 0.78 -2.99
CA ALA A 185 -30.33 0.32 -4.30
C ALA A 185 -29.12 -0.21 -5.07
N VAL A 186 -29.19 -1.46 -5.50
CA VAL A 186 -28.09 -2.11 -6.21
C VAL A 186 -28.60 -2.62 -7.54
N SER A 187 -27.92 -2.25 -8.62
CA SER A 187 -28.29 -2.66 -9.96
C SER A 187 -27.06 -3.14 -10.68
N ARG A 188 -27.25 -3.64 -11.89
CA ARG A 188 -26.12 -4.01 -12.73
C ARG A 188 -25.63 -2.86 -13.59
N GLY A 189 -26.24 -1.69 -13.44
CA GLY A 189 -25.84 -0.54 -14.23
C GLY A 189 -27.04 0.34 -14.50
N LYS A 190 -26.74 1.49 -15.10
CA LYS A 190 -27.78 2.49 -15.38
C LYS A 190 -28.90 1.93 -16.25
N TYR A 191 -28.60 0.98 -17.13
CA TYR A 191 -29.55 0.37 -18.06
C TYR A 191 -30.50 -0.61 -17.38
N ASP A 192 -30.24 -0.99 -16.13
CA ASP A 192 -30.89 -2.12 -15.48
C ASP A 192 -32.30 -1.73 -15.03
N SER A 193 -33.29 -2.43 -15.56
CA SER A 193 -34.70 -2.18 -15.25
C SER A 193 -35.13 -2.71 -13.88
N THR A 194 -34.43 -3.71 -13.33
CA THR A 194 -34.85 -4.41 -12.12
C THR A 194 -33.79 -4.27 -11.03
N PRO A 195 -33.63 -3.09 -10.45
CA PRO A 195 -32.67 -2.94 -9.36
C PRO A 195 -33.20 -3.59 -8.08
N LYS A 196 -32.26 -4.00 -7.23
CA LYS A 196 -32.61 -4.60 -5.94
C LYS A 196 -32.32 -3.61 -4.82
N THR A 197 -32.85 -3.91 -3.64
CA THR A 197 -32.68 -3.06 -2.47
C THR A 197 -32.17 -3.92 -1.33
N ILE A 198 -31.15 -3.43 -0.61
CA ILE A 198 -30.71 -4.08 0.62
C ILE A 198 -31.09 -3.17 1.77
N ASP A 199 -31.98 -3.64 2.64
CA ASP A 199 -32.30 -2.94 3.88
C ASP A 199 -31.20 -3.20 4.90
N SER A 200 -30.74 -2.15 5.56
CA SER A 200 -29.48 -2.24 6.30
C SER A 200 -29.35 -1.08 7.27
N ALA A 201 -28.41 -1.23 8.20
CA ALA A 201 -28.17 -0.21 9.22
C ALA A 201 -27.05 0.76 8.87
N LEU A 202 -25.99 0.28 8.23
CA LEU A 202 -24.79 1.10 8.05
C LEU A 202 -24.30 0.97 6.62
N PHE A 203 -24.06 2.10 5.98
CA PHE A 203 -23.45 2.15 4.66
C PHE A 203 -22.01 2.63 4.78
N VAL A 204 -21.09 1.93 4.14
CA VAL A 204 -19.66 2.27 4.15
C VAL A 204 -19.29 2.71 2.73
N ASP A 205 -18.95 3.98 2.56
CA ASP A 205 -18.46 4.49 1.27
C ASP A 205 -17.00 4.10 1.12
N ALA A 206 -16.73 3.06 0.34
CA ALA A 206 -15.39 2.66 -0.02
C ALA A 206 -15.19 2.80 -1.52
N THR A 207 -15.77 3.83 -2.12
CA THR A 207 -15.67 4.01 -3.56
C THR A 207 -14.41 4.79 -3.97
N GLY A 208 -13.45 4.96 -3.06
CA GLY A 208 -12.19 5.52 -3.52
C GLY A 208 -12.28 7.01 -3.85
N ARG A 209 -11.44 7.43 -4.80
CA ARG A 209 -11.38 8.83 -5.20
C ARG A 209 -12.69 9.31 -5.83
N PHE A 210 -13.54 8.39 -6.29
CA PHE A 210 -14.85 8.76 -6.84
C PHE A 210 -15.80 9.33 -5.78
N ARG A 211 -15.56 9.06 -4.49
CA ARG A 211 -16.31 9.66 -3.37
C ARG A 211 -17.83 9.66 -3.63
N GLN A 212 -18.36 8.52 -4.07
CA GLN A 212 -19.69 8.52 -4.64
C GLN A 212 -20.76 8.94 -3.64
N PHE A 213 -20.55 8.66 -2.34
CA PHE A 213 -21.53 9.10 -1.36
C PHE A 213 -21.12 10.39 -0.66
N CYS A 214 -19.91 10.47 -0.10
CA CYS A 214 -19.61 11.64 0.70
C CYS A 214 -19.47 12.91 -0.15
N SER A 215 -19.24 12.80 -1.47
CA SER A 215 -19.34 13.99 -2.32
C SER A 215 -20.72 14.66 -2.22
N LYS A 216 -21.78 13.87 -1.97
CA LYS A 216 -23.11 14.46 -1.76
C LYS A 216 -23.18 15.30 -0.49
N LYS A 217 -22.21 15.16 0.42
CA LYS A 217 -22.27 15.82 1.72
C LYS A 217 -21.32 17.00 1.87
N ALA A 218 -20.35 17.14 0.96
CA ALA A 218 -19.43 18.27 0.97
C ALA A 218 -18.63 18.26 -0.33
N PRO A 219 -18.30 19.43 -0.88
CA PRO A 219 -17.43 19.47 -2.05
C PRO A 219 -16.02 19.01 -1.73
N ARG A 220 -15.37 18.45 -2.74
CA ARG A 220 -13.98 18.05 -2.59
C ARG A 220 -13.11 19.25 -2.20
N HIS A 221 -12.12 19.01 -1.35
CA HIS A 221 -11.24 20.06 -0.84
C HIS A 221 -9.85 19.89 -1.41
N ARG A 222 -9.26 20.99 -1.88
CA ARG A 222 -7.89 21.00 -2.39
C ARG A 222 -7.02 21.86 -1.49
N PHE A 223 -5.76 21.44 -1.34
CA PHE A 223 -4.83 22.20 -0.52
C PHE A 223 -4.23 23.34 -1.34
N ASP A 224 -3.69 24.34 -0.64
CA ASP A 224 -3.08 25.48 -1.32
C ASP A 224 -1.81 25.06 -2.06
N GLY A 225 -1.49 25.77 -3.13
CA GLY A 225 -0.23 25.56 -3.82
C GLY A 225 -0.33 24.52 -4.91
N TRP A 226 0.84 24.13 -5.43
CA TRP A 226 0.88 23.15 -6.51
C TRP A 226 0.35 21.80 -6.03
N ASN A 227 -0.15 21.03 -6.97
CA ASN A 227 -0.56 19.66 -6.77
C ASN A 227 0.34 18.82 -7.67
N CYS A 228 0.05 17.54 -7.77
CA CYS A 228 0.81 16.63 -8.62
C CYS A 228 -0.05 16.01 -9.71
N ASN A 229 0.64 15.59 -10.78
CA ASN A 229 0.13 14.71 -11.81
C ASN A 229 1.01 13.47 -11.87
N ALA A 230 0.45 12.36 -12.36
CA ALA A 230 1.18 11.12 -12.57
C ALA A 230 0.90 10.55 -13.95
N PHE A 231 1.92 9.91 -14.53
CA PHE A 231 1.77 9.17 -15.78
C PHE A 231 2.71 7.98 -15.74
N TRP A 232 2.24 6.83 -16.21
CA TRP A 232 2.94 5.57 -15.92
C TRP A 232 2.59 4.49 -16.93
N GLY A 233 3.36 3.41 -16.88
CA GLY A 233 3.26 2.28 -17.78
C GLY A 233 3.94 1.08 -17.16
N TYR A 234 3.90 -0.03 -17.90
CA TYR A 234 4.39 -1.32 -17.42
C TYR A 234 5.47 -1.83 -18.38
N PHE A 235 6.52 -2.41 -17.81
CA PHE A 235 7.72 -2.74 -18.57
C PHE A 235 8.16 -4.16 -18.21
N THR A 236 9.05 -4.70 -19.03
CA THR A 236 9.69 -5.94 -18.66
C THR A 236 10.48 -5.77 -17.36
N ALA A 237 10.94 -6.90 -16.83
CA ALA A 237 11.72 -6.94 -15.60
C ALA A 237 13.00 -7.72 -15.90
N PRO A 238 14.11 -7.03 -16.15
CA PRO A 238 15.36 -7.72 -16.50
C PRO A 238 15.82 -8.67 -15.39
N LYS A 239 16.28 -9.86 -15.80
CA LYS A 239 16.97 -10.77 -14.88
C LYS A 239 18.29 -10.18 -14.43
N ASP A 240 19.07 -9.67 -15.38
CA ASP A 240 20.38 -9.09 -15.12
C ASP A 240 20.20 -7.58 -14.90
N GLU A 241 20.32 -7.13 -13.65
CA GLU A 241 20.16 -5.73 -13.28
C GLU A 241 21.49 -4.97 -13.27
N SER A 242 22.56 -5.55 -13.80
CA SER A 242 23.87 -4.99 -13.58
C SER A 242 24.21 -3.82 -14.52
N LYS A 243 23.41 -3.55 -15.53
CA LYS A 243 23.67 -2.40 -16.40
C LYS A 243 22.85 -1.18 -16.04
N ILE A 244 21.99 -1.29 -15.02
CA ILE A 244 21.32 -0.15 -14.41
C ILE A 244 22.41 0.85 -14.00
N PRO A 245 22.27 2.13 -14.30
CA PRO A 245 23.39 3.06 -14.09
C PRO A 245 23.58 3.55 -12.66
N PHE A 246 22.88 2.98 -11.67
CA PHE A 246 23.05 3.38 -10.28
C PHE A 246 23.82 2.30 -9.54
N ASP A 247 24.87 2.73 -8.85
CA ASP A 247 25.71 1.77 -8.14
C ASP A 247 24.90 1.08 -7.04
N LEU A 248 25.08 -0.23 -6.90
CA LEU A 248 24.48 -1.04 -5.85
C LEU A 248 22.95 -1.16 -5.97
N TYR A 249 22.41 -0.97 -7.17
CA TYR A 249 20.96 -1.03 -7.37
C TYR A 249 20.43 -2.43 -7.13
N GLU A 250 19.24 -2.51 -6.53
CA GLU A 250 18.58 -3.79 -6.31
C GLU A 250 17.11 -3.67 -6.64
N GLY A 251 16.60 -4.59 -7.45
CA GLY A 251 15.24 -4.49 -7.94
C GLY A 251 14.16 -4.85 -6.95
N ASP A 252 14.49 -5.43 -5.80
CA ASP A 252 13.46 -5.76 -4.83
C ASP A 252 13.25 -4.67 -3.79
N HIS A 253 13.80 -3.49 -3.98
CA HIS A 253 13.32 -2.33 -3.25
C HIS A 253 12.22 -1.67 -4.05
N THR A 254 11.41 -0.88 -3.37
CA THR A 254 10.72 0.19 -4.08
C THR A 254 11.74 1.27 -4.35
N ASN A 255 12.14 1.42 -5.61
CA ASN A 255 13.17 2.40 -5.95
C ASN A 255 12.52 3.70 -6.36
N HIS A 256 13.15 4.81 -5.95
CA HIS A 256 12.65 6.15 -6.21
C HIS A 256 13.74 6.91 -6.94
N LEU A 257 13.45 7.41 -8.13
CA LEU A 257 14.39 8.27 -8.84
C LEU A 257 13.86 9.70 -8.73
N CYS A 258 14.63 10.57 -8.08
CA CYS A 258 14.14 11.84 -7.57
C CYS A 258 14.91 13.00 -8.17
N PHE A 259 14.20 14.10 -8.40
CA PHE A 259 14.75 15.25 -9.12
C PHE A 259 13.86 16.45 -8.81
N PRO A 260 14.28 17.67 -9.16
CA PRO A 260 13.51 18.86 -8.73
C PRO A 260 12.02 18.83 -9.07
N GLU A 261 11.63 18.34 -10.26
CA GLU A 261 10.23 18.39 -10.67
C GLU A 261 9.36 17.30 -10.03
N GLY A 262 9.95 16.27 -9.44
CA GLY A 262 9.16 15.17 -8.89
C GLY A 262 10.01 13.91 -8.75
N TRP A 263 9.38 12.75 -8.92
CA TRP A 263 10.11 11.50 -8.79
C TRP A 263 9.47 10.40 -9.64
N VAL A 264 10.21 9.30 -9.77
CA VAL A 264 9.82 8.13 -10.54
C VAL A 264 9.80 6.91 -9.61
N TRP A 265 8.70 6.15 -9.63
CA TRP A 265 8.69 4.90 -8.88
C TRP A 265 9.08 3.75 -9.79
N VAL A 266 9.72 2.74 -9.21
CA VAL A 266 10.14 1.55 -9.93
C VAL A 266 9.83 0.35 -9.02
N ILE A 267 8.90 -0.49 -9.43
CA ILE A 267 8.38 -1.58 -8.61
C ILE A 267 8.37 -2.86 -9.45
N ARG A 268 9.16 -3.85 -9.04
CA ARG A 268 9.21 -5.15 -9.68
C ARG A 268 8.15 -6.08 -9.04
N LEU A 269 7.29 -6.67 -9.86
CA LEU A 269 6.20 -7.46 -9.31
C LEU A 269 5.73 -8.48 -10.34
N PRO A 270 5.20 -9.63 -9.88
CA PRO A 270 4.68 -10.61 -10.82
C PRO A 270 3.24 -10.27 -11.23
N SER A 271 2.91 -10.56 -12.49
CA SER A 271 1.60 -10.27 -13.03
C SER A 271 0.91 -11.56 -13.45
N TRP A 272 -0.37 -11.69 -13.09
CA TRP A 272 -1.16 -12.85 -13.46
C TRP A 272 -2.10 -12.57 -14.63
N GLU A 273 -1.95 -11.43 -15.31
CA GLU A 273 -2.87 -11.04 -16.38
C GLU A 273 -2.95 -12.10 -17.46
N GLY A 274 -4.15 -12.28 -18.00
CA GLY A 274 -4.41 -13.33 -18.98
C GLY A 274 -4.98 -14.60 -18.40
N SER A 275 -4.96 -14.74 -17.08
CA SER A 275 -5.51 -15.90 -16.40
C SER A 275 -7.04 -15.82 -16.32
N PRO A 276 -7.76 -16.91 -16.63
CA PRO A 276 -9.22 -16.92 -16.38
C PRO A 276 -9.52 -16.72 -14.90
N ILE A 277 -10.64 -16.06 -14.59
CA ILE A 277 -10.92 -15.73 -13.20
C ILE A 277 -11.25 -17.00 -12.39
N ALA A 278 -11.96 -17.95 -12.99
CA ALA A 278 -12.30 -19.16 -12.23
C ALA A 278 -11.05 -19.94 -11.88
N ASN A 279 -10.13 -20.09 -12.83
CA ASN A 279 -8.87 -20.77 -12.54
C ASN A 279 -8.13 -20.08 -11.41
N LEU A 280 -8.13 -18.75 -11.39
CA LEU A 280 -7.46 -18.02 -10.32
C LEU A 280 -8.12 -18.29 -8.97
N MET A 281 -9.45 -18.35 -8.94
CA MET A 281 -10.14 -18.67 -7.69
C MET A 281 -9.67 -20.00 -7.13
N ASP A 282 -9.48 -20.98 -8.01
CA ASP A 282 -9.02 -22.29 -7.58
C ASP A 282 -7.60 -22.20 -7.03
N MET A 283 -6.75 -21.41 -7.68
CA MET A 283 -5.38 -21.28 -7.19
C MET A 283 -5.36 -20.58 -5.84
N VAL A 284 -6.06 -19.44 -5.73
CA VAL A 284 -6.10 -18.75 -4.44
C VAL A 284 -6.71 -19.65 -3.37
N THR A 285 -7.80 -20.35 -3.70
CA THR A 285 -8.41 -21.23 -2.71
C THR A 285 -7.42 -22.28 -2.23
N TYR A 286 -6.69 -22.88 -3.16
CA TYR A 286 -5.69 -23.88 -2.80
C TYR A 286 -4.61 -23.28 -1.90
N ILE A 287 -4.17 -22.05 -2.18
CA ILE A 287 -3.14 -21.42 -1.37
C ILE A 287 -3.64 -21.20 0.07
N LEU A 288 -4.90 -20.75 0.23
CA LEU A 288 -5.47 -20.60 1.57
C LEU A 288 -5.58 -21.94 2.29
N GLU A 289 -5.94 -23.01 1.57
CA GLU A 289 -6.00 -24.31 2.22
C GLU A 289 -4.62 -24.74 2.70
N CYS A 290 -3.59 -24.43 1.90
CA CYS A 290 -2.22 -24.71 2.33
C CYS A 290 -1.82 -23.83 3.51
N ALA A 291 -2.24 -22.57 3.51
CA ALA A 291 -1.98 -21.72 4.67
C ALA A 291 -2.66 -22.28 5.92
N ASP A 292 -3.90 -22.75 5.80
CA ASP A 292 -4.59 -23.36 6.94
C ASP A 292 -3.85 -24.58 7.44
N ALA A 293 -3.34 -25.40 6.54
CA ALA A 293 -2.69 -26.65 6.92
C ALA A 293 -1.25 -26.45 7.39
N GLY A 294 -0.67 -25.26 7.19
CA GLY A 294 0.69 -25.00 7.61
C GLY A 294 1.77 -25.63 6.76
N VAL A 295 1.52 -25.78 5.46
CA VAL A 295 2.49 -26.38 4.55
C VAL A 295 3.77 -25.56 4.55
N PRO A 296 4.93 -26.16 4.80
CA PRO A 296 6.19 -25.40 4.74
C PRO A 296 6.47 -24.88 3.34
N GLY A 297 7.20 -23.76 3.28
CA GLY A 297 7.43 -23.10 2.01
C GLY A 297 8.12 -23.98 0.98
N ASP A 298 9.03 -24.83 1.44
CA ASP A 298 9.76 -25.69 0.52
C ASP A 298 8.86 -26.78 -0.06
N GLU A 299 7.81 -27.16 0.66
CA GLU A 299 6.85 -28.15 0.19
C GLU A 299 5.64 -27.53 -0.49
N LEU A 300 5.65 -26.22 -0.68
CA LEU A 300 4.58 -25.50 -1.36
C LEU A 300 4.97 -25.27 -2.80
N PRO A 301 4.09 -25.50 -3.77
CA PRO A 301 4.46 -25.27 -5.18
C PRO A 301 4.89 -23.83 -5.41
N SER A 302 5.84 -23.66 -6.33
CA SER A 302 6.28 -22.32 -6.69
C SER A 302 5.21 -21.61 -7.52
N SER A 303 5.39 -20.31 -7.69
CA SER A 303 4.45 -19.52 -8.49
C SER A 303 4.27 -20.13 -9.87
N GLU A 304 5.38 -20.48 -10.53
CA GLU A 304 5.29 -21.00 -11.89
C GLU A 304 4.62 -22.36 -11.90
N GLU A 305 4.85 -23.16 -10.86
CA GLU A 305 4.19 -24.46 -10.76
C GLU A 305 2.68 -24.30 -10.54
N LEU A 306 2.27 -23.33 -9.73
CA LEU A 306 0.85 -23.04 -9.59
C LEU A 306 0.24 -22.63 -10.93
N ALA A 307 0.98 -21.85 -11.73
CA ALA A 307 0.46 -21.46 -13.04
C ALA A 307 0.25 -22.67 -13.93
N ARG A 308 1.17 -23.63 -13.88
CA ARG A 308 0.97 -24.89 -14.60
C ARG A 308 -0.22 -25.65 -14.04
N MET A 309 -0.31 -25.80 -12.71
CA MET A 309 -1.34 -26.63 -12.12
C MET A 309 -2.74 -26.12 -12.45
N PHE A 310 -2.95 -24.81 -12.36
CA PHE A 310 -4.29 -24.25 -12.46
C PHE A 310 -4.58 -23.59 -13.81
N GLY A 311 -3.66 -23.68 -14.76
CA GLY A 311 -3.87 -23.13 -16.09
C GLY A 311 -3.87 -21.62 -16.12
N LEU A 312 -2.81 -21.02 -15.57
CA LEU A 312 -2.69 -19.58 -15.40
C LEU A 312 -1.57 -19.01 -16.28
N LYS A 313 -1.57 -17.69 -16.41
CA LYS A 313 -0.51 -16.94 -17.05
C LYS A 313 0.26 -16.18 -15.98
N PHE A 314 1.59 -16.19 -16.07
CA PHE A 314 2.45 -15.61 -15.05
C PHE A 314 3.66 -14.98 -15.74
N GLN A 315 3.96 -13.73 -15.40
CA GLN A 315 5.14 -13.05 -15.94
C GLN A 315 5.61 -12.01 -14.93
N TRP A 316 6.88 -11.63 -15.06
CA TRP A 316 7.47 -10.56 -14.25
C TRP A 316 7.42 -9.25 -15.03
N VAL A 317 6.96 -8.18 -14.35
CA VAL A 317 6.87 -6.85 -14.95
C VAL A 317 7.44 -5.85 -13.97
N THR A 318 7.76 -4.65 -14.50
CA THR A 318 8.13 -3.51 -13.67
C THR A 318 7.12 -2.39 -13.88
N SER A 319 6.53 -1.92 -12.78
CA SER A 319 5.68 -0.75 -12.80
C SER A 319 6.56 0.49 -12.68
N ILE A 320 6.45 1.42 -13.64
CA ILE A 320 7.32 2.59 -13.69
C ILE A 320 6.48 3.82 -14.01
N GLY A 321 6.53 4.83 -13.14
CA GLY A 321 5.74 6.02 -13.36
C GLY A 321 6.36 7.27 -12.76
N PHE A 322 5.90 8.41 -13.27
CA PHE A 322 6.29 9.75 -12.80
C PHE A 322 5.19 10.30 -11.92
N ALA A 323 5.58 10.96 -10.83
CA ALA A 323 4.67 11.78 -10.03
C ALA A 323 5.36 13.12 -9.92
N VAL A 324 4.87 14.11 -10.68
CA VAL A 324 5.57 15.38 -10.82
C VAL A 324 4.61 16.51 -10.48
N ARG A 325 5.19 17.63 -10.08
CA ARG A 325 4.42 18.83 -9.74
C ARG A 325 3.65 19.32 -10.95
N ASN A 326 2.50 19.95 -10.71
CA ASN A 326 1.69 20.46 -11.80
C ASN A 326 1.96 21.92 -12.10
N ASP A 327 3.05 22.48 -11.59
CA ASP A 327 3.56 23.74 -12.08
C ASP A 327 4.77 23.56 -12.99
N VAL A 328 5.00 22.34 -13.48
CA VAL A 328 5.99 22.11 -14.52
C VAL A 328 5.50 22.75 -15.82
N LYS A 329 6.42 23.39 -16.55
CA LYS A 329 6.14 23.96 -17.87
C LYS A 329 6.56 22.97 -18.95
N TYR A 330 5.61 22.55 -19.77
CA TYR A 330 5.91 21.66 -20.89
C TYR A 330 5.99 22.43 -22.20
N PRO A 331 6.80 21.95 -23.14
CA PRO A 331 6.73 22.49 -24.50
C PRO A 331 5.32 22.35 -25.05
N GLU A 332 4.91 23.37 -25.81
CA GLU A 332 3.62 23.38 -26.49
C GLU A 332 3.36 22.10 -27.27
N ASP A 333 4.37 21.60 -27.99
CA ASP A 333 4.23 20.53 -28.97
C ASP A 333 5.09 19.36 -28.52
N LEU A 334 4.45 18.26 -28.12
CA LEU A 334 5.14 17.06 -27.67
C LEU A 334 4.91 15.87 -28.60
N SER A 335 4.48 16.12 -29.84
CA SER A 335 4.13 15.05 -30.76
C SER A 335 5.34 14.19 -31.15
N ALA A 336 6.57 14.69 -31.00
CA ALA A 336 7.74 13.85 -31.23
C ALA A 336 7.85 12.70 -30.23
N TYR A 337 7.24 12.81 -29.05
CA TYR A 337 7.37 11.80 -28.01
C TYR A 337 6.20 10.83 -27.95
N GLY A 338 5.29 10.86 -28.93
CA GLY A 338 4.18 9.92 -28.92
C GLY A 338 2.84 10.52 -29.32
N THR A 339 1.78 9.71 -29.34
CA THR A 339 0.48 10.19 -29.80
C THR A 339 -0.50 10.48 -28.66
N ARG A 340 -0.25 10.02 -27.44
CA ARG A 340 -1.13 10.30 -26.32
C ARG A 340 -0.40 11.11 -25.27
N GLU A 341 -1.17 11.86 -24.47
CA GLU A 341 -0.57 12.78 -23.51
C GLU A 341 0.33 12.05 -22.51
N ALA A 342 -0.17 10.93 -21.96
CA ALA A 342 0.59 10.21 -20.94
C ALA A 342 1.92 9.73 -21.51
N GLU A 343 1.85 9.04 -22.64
CA GLU A 343 3.04 8.59 -23.36
C GLU A 343 3.96 9.77 -23.66
N GLN A 344 3.39 10.87 -24.16
CA GLN A 344 4.18 12.04 -24.53
C GLN A 344 4.94 12.59 -23.33
N LYS A 345 4.24 12.82 -22.21
CA LYS A 345 4.91 13.45 -21.07
C LYS A 345 5.90 12.49 -20.43
N PHE A 346 5.56 11.20 -20.39
CA PHE A 346 6.50 10.18 -19.90
C PHE A 346 7.81 10.23 -20.69
N ASN A 347 7.73 10.06 -22.02
CA ASN A 347 8.95 9.98 -22.82
C ASN A 347 9.68 11.32 -22.85
N TYR A 348 8.95 12.43 -22.76
CA TYR A 348 9.59 13.73 -22.70
C TYR A 348 10.42 13.87 -21.42
N PHE A 349 9.85 13.48 -20.29
CA PHE A 349 10.59 13.60 -19.04
C PHE A 349 11.81 12.69 -19.05
N VAL A 350 11.68 11.50 -19.62
CA VAL A 350 12.81 10.56 -19.59
C VAL A 350 14.04 11.20 -20.24
N GLN A 351 13.87 11.85 -21.39
CA GLN A 351 15.04 12.40 -22.07
C GLN A 351 15.50 13.72 -21.48
N LYS A 352 14.81 14.26 -20.47
CA LYS A 352 15.33 15.43 -19.77
C LYS A 352 16.47 15.11 -18.81
N TYR A 353 16.65 13.84 -18.43
CA TYR A 353 17.71 13.43 -17.51
C TYR A 353 18.44 12.25 -18.12
N GLU A 354 19.76 12.40 -18.30
CA GLU A 354 20.53 11.32 -18.92
C GLU A 354 20.45 10.06 -18.07
N LEU A 355 20.42 10.20 -16.74
CA LEU A 355 20.34 9.01 -15.89
C LEU A 355 18.97 8.31 -16.04
N LEU A 356 17.89 9.05 -16.24
CA LEU A 356 16.61 8.38 -16.47
C LEU A 356 16.60 7.66 -17.81
N GLN A 357 17.22 8.27 -18.83
CA GLN A 357 17.26 7.63 -20.14
C GLN A 357 18.16 6.40 -20.13
N GLN A 358 19.32 6.50 -19.47
CA GLN A 358 20.17 5.33 -19.30
C GLN A 358 19.48 4.27 -18.46
N PHE A 359 18.73 4.69 -17.45
CA PHE A 359 17.97 3.72 -16.65
C PHE A 359 16.93 3.01 -17.52
N MET A 360 16.07 3.78 -18.18
CA MET A 360 14.95 3.21 -18.92
C MET A 360 15.42 2.35 -20.09
N SER A 361 16.67 2.51 -20.50
CA SER A 361 17.17 1.73 -21.62
C SER A 361 17.43 0.28 -21.25
N ASN A 362 17.28 -0.08 -19.98
CA ASN A 362 17.27 -1.48 -19.57
C ASN A 362 15.90 -2.14 -19.69
N PHE A 363 14.85 -1.40 -20.04
CA PHE A 363 13.47 -1.88 -19.92
C PHE A 363 12.77 -1.79 -21.28
N GLU A 364 11.91 -2.76 -21.53
CA GLU A 364 11.12 -2.82 -22.75
C GLU A 364 9.66 -2.58 -22.38
N LEU A 365 8.99 -1.71 -23.14
CA LEU A 365 7.60 -1.38 -22.88
C LEU A 365 6.70 -2.59 -23.16
N ILE A 366 5.76 -2.86 -22.26
CA ILE A 366 4.73 -3.86 -22.47
C ILE A 366 3.46 -3.17 -22.99
N GLU A 367 2.89 -3.71 -24.06
CA GLU A 367 1.69 -3.14 -24.66
C GLU A 367 0.44 -3.70 -23.98
N ASN A 368 -0.42 -2.81 -23.51
CA ASN A 368 -1.78 -3.18 -23.12
C ASN A 368 -1.79 -4.37 -22.16
N LEU A 369 -0.96 -4.28 -21.11
CA LEU A 369 -0.90 -5.35 -20.13
C LEU A 369 -2.27 -5.61 -19.51
N TYR A 370 -3.04 -4.55 -19.24
CA TYR A 370 -4.32 -4.70 -18.57
C TYR A 370 -5.52 -4.48 -19.50
N GLY A 371 -5.37 -4.81 -20.79
CA GLY A 371 -6.44 -4.63 -21.75
C GLY A 371 -6.19 -3.46 -22.70
N PRO A 372 -7.05 -3.32 -23.72
CA PRO A 372 -6.83 -2.26 -24.72
C PRO A 372 -6.81 -0.89 -24.07
N GLY A 373 -5.92 -0.03 -24.54
CA GLY A 373 -5.84 1.31 -24.01
C GLY A 373 -5.07 1.47 -22.72
N THR A 374 -4.40 0.42 -22.23
CA THR A 374 -3.72 0.49 -20.94
C THR A 374 -2.20 0.46 -21.07
N THR A 375 -1.65 0.71 -22.26
CA THR A 375 -0.19 0.85 -22.33
C THR A 375 0.28 2.02 -21.48
N TRP A 376 -0.54 3.06 -21.38
CA TRP A 376 -0.18 4.31 -20.73
C TRP A 376 -1.34 4.79 -19.86
N PHE A 377 -1.00 5.30 -18.67
CA PHE A 377 -1.96 5.87 -17.74
C PHE A 377 -1.55 7.29 -17.40
N ILE A 378 -2.54 8.16 -17.22
CA ILE A 378 -2.28 9.51 -16.73
C ILE A 378 -3.37 9.84 -15.72
N ARG A 379 -2.99 10.53 -14.65
CA ARG A 379 -3.97 11.02 -13.69
C ARG A 379 -3.52 12.38 -13.18
N LYS A 380 -4.42 13.36 -13.20
CA LYS A 380 -4.08 14.74 -12.89
C LYS A 380 -4.72 15.21 -11.59
N THR A 381 -3.97 16.03 -10.84
CA THR A 381 -4.42 16.69 -9.62
C THR A 381 -4.73 15.66 -8.53
N LEU A 382 -3.65 15.04 -8.02
CA LEU A 382 -3.78 13.82 -7.22
C LEU A 382 -4.40 14.08 -5.85
N ALA A 383 -3.96 15.13 -5.16
CA ALA A 383 -4.24 15.27 -3.73
C ALA A 383 -5.58 15.97 -3.49
N TYR A 384 -6.34 15.44 -2.52
CA TYR A 384 -7.63 16.03 -2.14
C TYR A 384 -8.00 15.53 -0.75
N GLN A 385 -9.02 16.16 -0.16
CA GLN A 385 -9.64 15.67 1.07
C GLN A 385 -11.16 15.80 1.03
N SER A 386 -11.84 14.81 1.62
CA SER A 386 -13.30 14.89 1.85
C SER A 386 -13.58 15.61 3.16
N PRO A 387 -14.28 16.75 3.14
CA PRO A 387 -14.56 17.46 4.41
C PRO A 387 -15.49 16.70 5.35
N VAL A 388 -16.36 15.81 4.87
CA VAL A 388 -17.29 15.06 5.73
C VAL A 388 -17.11 13.58 5.46
N VAL A 389 -16.81 12.80 6.51
CA VAL A 389 -16.52 11.38 6.32
C VAL A 389 -17.45 10.49 7.13
N SER A 390 -18.49 11.05 7.75
CA SER A 390 -19.49 10.23 8.44
C SER A 390 -20.75 11.05 8.65
N GLY A 391 -21.85 10.33 8.88
CA GLY A 391 -23.12 10.96 9.17
C GLY A 391 -24.14 9.89 9.48
N PRO A 392 -25.39 10.30 9.73
CA PRO A 392 -26.43 9.33 10.12
C PRO A 392 -26.57 8.21 9.11
N GLY A 393 -26.19 6.99 9.52
CA GLY A 393 -26.30 5.83 8.68
C GLY A 393 -25.10 5.52 7.79
N TRP A 394 -24.01 6.29 7.87
CA TRP A 394 -22.91 6.06 6.93
C TRP A 394 -21.57 6.53 7.49
N LEU A 395 -20.50 5.99 6.92
CA LEU A 395 -19.14 6.48 7.09
C LEU A 395 -18.34 6.14 5.83
N ALA A 396 -17.24 6.87 5.64
CA ALA A 396 -16.33 6.68 4.51
C ALA A 396 -14.97 6.22 5.01
N ILE A 397 -14.26 5.46 4.15
CA ILE A 397 -12.95 4.91 4.47
C ILE A 397 -12.03 5.05 3.26
N GLY A 398 -10.72 4.91 3.50
CA GLY A 398 -9.77 4.80 2.40
C GLY A 398 -9.70 6.06 1.57
N ASP A 399 -9.51 5.90 0.25
CA ASP A 399 -9.41 7.04 -0.66
C ASP A 399 -10.63 7.96 -0.58
N ALA A 400 -11.80 7.41 -0.22
CA ALA A 400 -12.99 8.25 -0.17
C ALA A 400 -12.88 9.32 0.90
N CYS A 401 -11.93 9.16 1.85
CA CYS A 401 -11.64 10.20 2.85
C CYS A 401 -10.68 11.28 2.32
N GLY A 402 -9.80 10.93 1.39
CA GLY A 402 -8.78 11.85 0.92
C GLY A 402 -7.56 11.07 0.46
N PHE A 403 -6.67 11.77 -0.23
CA PHE A 403 -5.46 11.13 -0.76
C PHE A 403 -4.39 12.20 -0.98
N THR A 404 -3.12 11.77 -0.96
CA THR A 404 -2.07 12.74 -1.23
C THR A 404 -1.25 12.33 -2.45
N ASN A 405 -0.40 11.31 -2.32
CA ASN A 405 0.65 11.04 -3.31
C ASN A 405 1.10 9.60 -3.14
N PRO A 406 1.58 8.95 -4.20
CA PRO A 406 2.21 7.62 -4.03
C PRO A 406 3.42 7.59 -3.11
N LEU A 407 4.11 8.71 -2.89
CA LEU A 407 5.42 8.68 -2.23
C LEU A 407 5.29 8.21 -0.77
N TYR A 408 6.06 7.17 -0.43
CA TYR A 408 6.04 6.45 0.84
C TYR A 408 4.78 5.62 1.03
N SER A 409 3.97 5.46 -0.02
CA SER A 409 2.80 4.59 -0.03
C SER A 409 1.83 4.79 1.15
N PRO A 410 1.42 6.04 1.43
CA PRO A 410 0.42 6.21 2.49
C PRO A 410 -0.95 5.69 2.11
N GLY A 411 -1.26 5.66 0.81
CA GLY A 411 -2.58 5.29 0.33
C GLY A 411 -3.12 3.99 0.89
N ILE A 412 -2.37 2.90 0.74
CA ILE A 412 -2.77 1.63 1.33
C ILE A 412 -2.37 1.57 2.81
N ASN A 413 -1.12 1.93 3.11
CA ASN A 413 -0.51 1.55 4.38
C ASN A 413 -0.92 2.47 5.52
N VAL A 414 -1.07 3.77 5.25
CA VAL A 414 -1.65 4.67 6.22
C VAL A 414 -3.17 4.65 6.13
N GLY A 415 -3.71 4.53 4.92
CA GLY A 415 -5.15 4.56 4.74
C GLY A 415 -5.85 3.42 5.44
N MET A 416 -5.15 2.29 5.69
CA MET A 416 -5.81 1.20 6.37
C MET A 416 -6.05 1.49 7.84
N SER A 417 -5.47 2.57 8.38
CA SER A 417 -5.87 3.00 9.72
C SER A 417 -7.34 3.41 9.74
N THR A 418 -7.84 4.03 8.67
CA THR A 418 -9.26 4.38 8.68
C THR A 418 -10.12 3.13 8.48
N SER A 419 -9.78 2.29 7.50
CA SER A 419 -10.57 1.09 7.23
C SER A 419 -10.71 0.21 8.45
N THR A 420 -9.61 -0.02 9.19
CA THR A 420 -9.65 -0.93 10.31
C THR A 420 -10.27 -0.31 11.55
N TRP A 421 -10.09 1.01 11.77
CA TRP A 421 -10.80 1.67 12.86
C TRP A 421 -12.31 1.70 12.59
N ALA A 422 -12.70 2.05 11.36
CA ALA A 422 -14.11 2.00 10.99
C ALA A 422 -14.69 0.60 11.21
N ALA A 423 -13.95 -0.43 10.83
CA ALA A 423 -14.39 -1.81 11.02
C ALA A 423 -14.68 -2.10 12.50
N GLN A 424 -13.74 -1.73 13.37
CA GLN A 424 -13.94 -1.93 14.79
C GLN A 424 -15.16 -1.16 15.30
N LEU A 425 -15.31 0.09 14.87
CA LEU A 425 -16.43 0.94 15.33
C LEU A 425 -17.76 0.48 14.78
N SER A 426 -17.78 -0.34 13.73
CA SER A 426 -19.04 -0.73 13.13
C SER A 426 -19.86 -1.58 14.09
N HIS A 427 -19.19 -2.35 14.95
CA HIS A 427 -19.94 -3.21 15.85
C HIS A 427 -20.79 -2.41 16.83
N PRO A 428 -20.25 -1.45 17.59
CA PRO A 428 -21.13 -0.66 18.45
C PRO A 428 -22.09 0.23 17.68
N ILE A 429 -21.69 0.75 16.51
CA ILE A 429 -22.63 1.57 15.72
C ILE A 429 -23.90 0.78 15.45
N VAL A 430 -23.75 -0.46 15.00
CA VAL A 430 -24.93 -1.25 14.64
C VAL A 430 -25.70 -1.66 15.89
N GLU A 431 -25.00 -1.95 16.97
CA GLU A 431 -25.69 -2.37 18.18
C GLU A 431 -26.42 -1.19 18.84
N ILE A 432 -25.81 0.00 18.85
CA ILE A 432 -26.51 1.18 19.35
C ILE A 432 -27.86 1.30 18.65
N GLY A 433 -27.85 1.16 17.33
CA GLY A 433 -29.09 1.30 16.55
C GLY A 433 -30.13 0.24 16.87
N LYS A 434 -29.70 -0.96 17.23
CA LYS A 434 -30.67 -2.00 17.58
C LYS A 434 -31.15 -1.93 19.02
N SER A 435 -30.59 -1.05 19.85
CA SER A 435 -30.84 -1.14 21.29
C SER A 435 -31.40 0.12 21.92
N ALA A 436 -31.58 1.20 21.16
CA ALA A 436 -32.00 2.49 21.69
C ALA A 436 -32.97 3.14 20.71
N PRO A 437 -33.88 3.98 21.20
CA PRO A 437 -34.74 4.75 20.27
C PRO A 437 -33.91 5.64 19.35
N ALA A 438 -34.58 6.15 18.31
CA ALA A 438 -33.88 6.69 17.14
C ALA A 438 -33.06 7.94 17.46
N ASP A 439 -33.64 8.89 18.21
CA ASP A 439 -32.93 10.14 18.51
C ASP A 439 -31.68 9.90 19.35
N ALA A 440 -31.78 9.10 20.42
CA ALA A 440 -30.63 8.86 21.28
C ALA A 440 -29.57 8.02 20.57
N ALA A 441 -30.01 7.03 19.78
CA ALA A 441 -29.07 6.25 18.98
C ALA A 441 -28.26 7.15 18.06
N GLU A 442 -28.93 8.06 17.34
CA GLU A 442 -28.22 8.92 16.40
C GLU A 442 -27.24 9.85 17.12
N SER A 443 -27.65 10.36 18.28
CA SER A 443 -26.78 11.23 19.07
C SER A 443 -25.56 10.46 19.58
N SER A 444 -25.78 9.24 20.07
CA SER A 444 -24.68 8.46 20.64
C SER A 444 -23.70 7.99 19.57
N ILE A 445 -24.21 7.61 18.41
CA ILE A 445 -23.35 7.26 17.28
C ILE A 445 -22.54 8.48 16.85
N ARG A 446 -23.18 9.66 16.81
CA ARG A 446 -22.47 10.85 16.38
C ARG A 446 -21.31 11.14 17.31
N LYS A 447 -21.53 11.05 18.62
CA LYS A 447 -20.45 11.32 19.56
C LYS A 447 -19.36 10.25 19.47
N LEU A 448 -19.75 8.99 19.29
CA LEU A 448 -18.77 7.92 19.08
C LEU A 448 -17.82 8.24 17.93
N LEU A 449 -18.31 8.90 16.88
CA LEU A 449 -17.54 9.11 15.66
C LEU A 449 -16.82 10.46 15.61
N VAL A 450 -17.01 11.33 16.61
CA VAL A 450 -16.23 12.57 16.65
C VAL A 450 -14.73 12.29 16.55
N PRO A 451 -14.14 11.35 17.31
CA PRO A 451 -12.70 11.08 17.12
C PRO A 451 -12.36 10.60 15.73
N TYR A 452 -13.20 9.74 15.13
CA TYR A 452 -12.96 9.29 13.77
C TYR A 452 -12.94 10.48 12.81
N ASP A 453 -13.93 11.36 12.92
CA ASP A 453 -13.98 12.53 12.05
C ASP A 453 -12.75 13.42 12.24
N ASP A 454 -12.37 13.65 13.50
CA ASP A 454 -11.25 14.54 13.79
C ASP A 454 -9.93 13.94 13.32
N TYR A 455 -9.76 12.63 13.44
CA TYR A 455 -8.57 11.96 12.93
C TYR A 455 -8.46 12.14 11.42
N CYS A 456 -9.54 11.89 10.69
CA CYS A 456 -9.51 12.05 9.24
C CYS A 456 -9.26 13.51 8.86
N LYS A 457 -9.91 14.45 9.55
CA LYS A 457 -9.70 15.87 9.27
C LYS A 457 -8.22 16.24 9.33
N SER A 458 -7.52 15.77 10.37
CA SER A 458 -6.12 16.13 10.58
C SER A 458 -5.15 15.25 9.81
N LEU A 459 -5.60 14.10 9.31
CA LEU A 459 -4.69 13.13 8.70
C LEU A 459 -4.17 13.59 7.34
N VAL A 460 -5.06 13.96 6.44
CA VAL A 460 -4.65 14.31 5.07
C VAL A 460 -3.78 15.56 5.05
N PRO A 461 -4.11 16.64 5.79
CA PRO A 461 -3.17 17.78 5.83
C PRO A 461 -1.79 17.41 6.33
N ALA A 462 -1.68 16.51 7.32
CA ALA A 462 -0.35 16.12 7.79
C ALA A 462 0.43 15.33 6.73
N LEU A 463 -0.26 14.43 6.02
CA LEU A 463 0.37 13.72 4.91
C LEU A 463 0.74 14.68 3.77
N GLU A 464 -0.06 15.73 3.56
CA GLU A 464 0.23 16.67 2.47
C GLU A 464 1.49 17.49 2.79
N GLN A 465 1.67 17.88 4.05
CA GLN A 465 2.90 18.56 4.45
C GLN A 465 4.09 17.62 4.38
N MET A 466 3.90 16.36 4.72
CA MET A 466 4.96 15.36 4.55
C MET A 466 5.34 15.23 3.07
N ASN A 467 4.34 15.26 2.19
CA ASN A 467 4.65 15.13 0.76
C ASN A 467 5.41 16.35 0.25
N ARG A 468 4.99 17.56 0.65
CA ARG A 468 5.69 18.76 0.20
C ARG A 468 7.12 18.79 0.73
N PHE A 469 7.32 18.38 1.99
CA PHE A 469 8.63 18.30 2.61
C PHE A 469 9.59 17.48 1.76
N ASN A 470 9.16 16.28 1.37
CA ASN A 470 10.01 15.43 0.56
C ASN A 470 10.24 16.07 -0.83
N TYR A 471 9.17 16.56 -1.47
CA TYR A 471 9.32 17.12 -2.81
C TYR A 471 10.32 18.28 -2.82
N VAL A 472 10.21 19.22 -1.86
CA VAL A 472 11.13 20.36 -1.94
C VAL A 472 12.57 19.92 -1.71
N CYS A 473 12.79 18.94 -0.84
CA CYS A 473 14.14 18.45 -0.59
C CYS A 473 14.71 17.69 -1.78
N TYR A 474 13.84 17.11 -2.61
CA TYR A 474 14.31 16.44 -3.81
C TYR A 474 14.90 17.39 -4.83
N ARG A 475 14.80 18.70 -4.60
CA ARG A 475 15.44 19.67 -5.46
C ARG A 475 16.96 19.75 -5.24
N ASP A 476 17.49 19.06 -4.22
CA ASP A 476 18.93 19.08 -4.00
C ASP A 476 19.43 17.71 -3.57
N THR A 477 20.62 17.34 -4.03
CA THR A 477 21.14 15.99 -3.80
C THR A 477 21.74 15.78 -2.40
N ARG A 478 21.84 16.82 -1.58
CA ARG A 478 22.14 16.64 -0.16
C ARG A 478 20.89 16.66 0.70
N LEU A 479 19.93 17.54 0.39
CA LEU A 479 18.73 17.66 1.21
C LEU A 479 17.86 16.41 1.12
N GLY A 480 17.68 15.87 -0.09
CA GLY A 480 16.91 14.66 -0.28
C GLY A 480 17.25 13.55 0.70
N PRO A 481 18.49 13.06 0.66
CA PRO A 481 18.85 11.94 1.53
C PRO A 481 19.14 12.34 2.97
N GLN A 482 19.82 13.46 3.19
CA GLN A 482 20.29 13.75 4.54
C GLN A 482 19.26 14.50 5.39
N VAL A 483 18.21 15.06 4.78
CA VAL A 483 17.16 15.71 5.57
C VAL A 483 15.83 14.98 5.41
N ALA A 484 15.26 14.94 4.19
CA ALA A 484 13.90 14.42 4.06
C ALA A 484 13.83 12.93 4.33
N CYS A 485 14.66 12.14 3.63
CA CYS A 485 14.62 10.70 3.85
C CYS A 485 14.98 10.34 5.27
N LEU A 486 16.01 10.98 5.80
CA LEU A 486 16.45 10.71 7.17
C LEU A 486 15.31 10.94 8.16
N TRP A 487 14.66 12.10 8.06
CA TRP A 487 13.60 12.40 9.00
C TRP A 487 12.40 11.48 8.82
N GLN A 488 12.11 11.07 7.59
CA GLN A 488 10.95 10.20 7.38
C GLN A 488 11.18 8.84 8.03
N PHE A 489 12.40 8.33 7.97
CA PHE A 489 12.69 7.04 8.57
C PHE A 489 12.82 7.15 10.10
N PHE A 490 13.49 8.19 10.61
CA PHE A 490 13.59 8.31 12.07
C PHE A 490 12.22 8.50 12.70
N ALA A 491 11.41 9.41 12.15
CA ALA A 491 10.10 9.66 12.72
C ALA A 491 9.10 8.55 12.40
N GLY A 492 9.25 7.87 11.26
CA GLY A 492 8.19 7.01 10.77
C GLY A 492 8.39 5.50 10.79
N ILE A 493 9.56 5.01 11.18
CA ILE A 493 9.67 3.57 11.41
C ILE A 493 8.72 3.20 12.54
N ASP A 494 7.88 2.19 12.30
CA ASP A 494 6.81 1.89 13.24
C ASP A 494 7.37 1.02 14.36
N ARG A 495 7.73 1.65 15.47
CA ARG A 495 8.28 0.95 16.62
C ARG A 495 7.22 0.07 17.29
N TYR A 496 7.67 -1.08 17.81
CA TYR A 496 6.82 -2.02 18.56
C TYR A 496 5.68 -2.60 17.72
N LEU A 497 5.89 -2.75 16.41
CA LEU A 497 4.93 -3.46 15.56
C LEU A 497 4.80 -4.92 15.99
N SER A 498 5.87 -5.50 16.56
CA SER A 498 5.81 -6.89 16.99
C SER A 498 4.81 -7.13 18.12
N ASP A 499 4.31 -6.07 18.76
CA ASP A 499 3.32 -6.20 19.82
C ASP A 499 1.88 -6.19 19.30
N VAL A 500 1.66 -5.79 18.05
CA VAL A 500 0.31 -5.57 17.56
C VAL A 500 -0.44 -6.90 17.41
N ASN A 501 -1.76 -6.87 17.66
CA ASN A 501 -2.64 -7.99 17.39
C ASN A 501 -3.93 -7.46 16.80
N ILE A 502 -4.85 -8.36 16.46
CA ILE A 502 -6.13 -7.95 15.84
C ILE A 502 -6.82 -6.91 16.71
N GLU A 503 -6.77 -7.09 18.04
CA GLU A 503 -7.50 -6.21 18.95
C GLU A 503 -6.91 -4.82 18.98
N THR A 504 -5.59 -4.70 19.01
CA THR A 504 -4.96 -3.38 19.08
C THR A 504 -4.63 -2.77 17.72
N PHE A 505 -4.86 -3.47 16.61
CA PHE A 505 -4.33 -3.01 15.33
C PHE A 505 -4.78 -1.59 14.97
N ALA A 506 -6.09 -1.33 15.02
CA ALA A 506 -6.57 0.00 14.63
C ALA A 506 -5.97 1.08 15.52
N HIS A 507 -5.94 0.86 16.83
CA HIS A 507 -5.42 1.84 17.77
C HIS A 507 -3.95 2.15 17.50
N TYR A 508 -3.15 1.11 17.26
CA TYR A 508 -1.76 1.33 16.87
C TYR A 508 -1.66 2.08 15.54
N ALA A 509 -2.42 1.62 14.53
CA ALA A 509 -2.28 2.17 13.19
C ALA A 509 -2.56 3.67 13.15
N ILE A 510 -3.54 4.15 13.92
CA ILE A 510 -3.83 5.58 13.89
C ILE A 510 -2.81 6.43 14.63
N LYS A 511 -1.89 5.82 15.37
CA LYS A 511 -0.83 6.57 16.02
C LYS A 511 0.41 6.71 15.14
N TRP A 512 0.41 6.07 13.96
CA TRP A 512 1.60 5.99 13.14
C TRP A 512 1.70 7.20 12.20
N VAL A 513 0.89 7.22 11.13
CA VAL A 513 0.84 8.34 10.19
C VAL A 513 2.21 8.57 9.55
N TRP A 514 2.98 7.50 9.34
CA TRP A 514 4.33 7.61 8.81
C TRP A 514 5.20 8.60 9.59
N GLY A 515 4.88 8.86 10.86
CA GLY A 515 5.65 9.81 11.64
C GLY A 515 5.39 11.27 11.33
N ALA A 516 4.43 11.57 10.44
CA ALA A 516 4.14 12.92 9.97
C ALA A 516 3.54 13.82 11.04
N MET A 517 3.16 13.28 12.19
CA MET A 517 2.70 14.07 13.33
C MET A 517 3.80 14.36 14.34
N VAL A 518 4.99 13.78 14.17
CA VAL A 518 6.05 13.99 15.17
C VAL A 518 6.46 15.46 15.17
N PRO A 519 6.49 16.11 16.34
CA PRO A 519 6.75 17.56 16.35
C PRO A 519 8.06 17.97 15.71
N GLU A 520 9.18 17.31 16.04
CA GLU A 520 10.46 17.71 15.44
C GLU A 520 10.46 17.52 13.94
N TYR A 521 9.75 16.50 13.44
CA TYR A 521 9.59 16.32 12.01
C TYR A 521 8.91 17.53 11.38
N GLN A 522 7.81 18.00 12.01
CA GLN A 522 7.07 19.13 11.47
C GLN A 522 7.90 20.41 11.55
N GLN A 523 8.72 20.55 12.57
CA GLN A 523 9.56 21.75 12.68
C GLN A 523 10.58 21.82 11.53
N VAL A 524 11.20 20.69 11.20
CA VAL A 524 12.16 20.69 10.10
C VAL A 524 11.43 20.83 8.76
N ALA A 525 10.29 20.15 8.61
CA ALA A 525 9.53 20.23 7.36
C ALA A 525 9.13 21.66 7.06
N GLN A 526 8.69 22.40 8.08
CA GLN A 526 8.22 23.76 7.84
C GLN A 526 9.36 24.70 7.51
N LYS A 527 10.53 24.50 8.11
CA LYS A 527 11.66 25.36 7.77
C LYS A 527 12.08 25.16 6.32
N CYS A 528 12.10 23.91 5.85
CA CYS A 528 12.52 23.63 4.48
C CYS A 528 11.49 24.14 3.49
N ILE A 529 10.21 23.84 3.74
CA ILE A 529 9.15 24.26 2.82
C ILE A 529 9.15 25.77 2.70
N GLU A 530 9.25 26.47 3.83
CA GLU A 530 9.23 27.93 3.84
C GLU A 530 10.36 28.52 3.02
N HIS A 531 11.55 27.92 3.07
CA HIS A 531 12.71 28.46 2.35
C HIS A 531 12.64 28.14 0.86
N ILE A 532 12.40 26.85 0.56
CA ILE A 532 12.55 26.36 -0.80
C ILE A 532 11.39 26.81 -1.70
N GLU A 533 10.19 26.97 -1.14
CA GLU A 533 9.09 27.42 -1.97
C GLU A 533 9.28 28.85 -2.49
N THR A 534 10.22 29.62 -1.93
CA THR A 534 10.51 30.95 -2.45
C THR A 534 11.43 30.92 -3.68
N VAL A 535 12.00 29.78 -4.02
CA VAL A 535 12.93 29.67 -5.16
C VAL A 535 12.16 29.07 -6.34
N PRO A 536 12.03 29.79 -7.46
CA PRO A 536 11.28 29.26 -8.61
C PRO A 536 11.78 27.88 -9.04
N LEU A 537 10.83 27.05 -9.51
CA LEU A 537 11.16 25.65 -9.79
C LEU A 537 12.29 25.53 -10.80
N ASP A 538 12.36 26.45 -11.77
CA ASP A 538 13.36 26.39 -12.82
C ASP A 538 14.75 26.86 -12.38
N GLU A 539 14.91 27.28 -11.13
CA GLU A 539 16.22 27.65 -10.60
C GLU A 539 16.79 26.56 -9.70
N ARG A 540 18.11 26.53 -9.61
CA ARG A 540 18.82 25.70 -8.64
C ARG A 540 18.77 26.36 -7.26
N LEU A 541 18.68 25.55 -6.21
CA LEU A 541 18.73 26.11 -4.86
C LEU A 541 20.09 26.74 -4.60
N PRO A 542 20.15 27.93 -4.00
CA PRO A 542 21.45 28.49 -3.60
C PRO A 542 22.16 27.57 -2.63
N ASP A 543 23.48 27.46 -2.80
CA ASP A 543 24.27 26.59 -1.94
C ASP A 543 24.15 26.97 -0.47
N ALA A 544 24.03 28.26 -0.17
CA ALA A 544 23.94 28.70 1.24
C ALA A 544 22.61 28.31 1.87
N MET A 545 21.53 28.29 1.08
CA MET A 545 20.24 27.80 1.58
C MET A 545 20.33 26.31 1.94
N VAL A 546 20.98 25.52 1.08
CA VAL A 546 21.18 24.10 1.39
C VAL A 546 21.99 23.95 2.68
N ASP A 547 23.08 24.71 2.81
CA ASP A 547 23.90 24.67 4.03
C ASP A 547 23.07 24.99 5.27
N GLU A 548 22.36 26.12 5.22
CA GLU A 548 21.53 26.54 6.35
C GLU A 548 20.48 25.49 6.69
N LEU A 549 19.82 24.91 5.69
CA LEU A 549 18.79 23.92 5.98
C LEU A 549 19.39 22.64 6.54
N LEU A 550 20.51 22.18 5.97
CA LEU A 550 21.20 21.01 6.47
C LEU A 550 21.62 21.20 7.93
N ALA A 551 22.21 22.36 8.26
CA ALA A 551 22.66 22.60 9.63
C ALA A 551 21.49 22.70 10.60
N PHE A 552 20.38 23.29 10.18
CA PHE A 552 19.19 23.36 11.04
C PHE A 552 18.64 21.96 11.28
N SER A 553 18.55 21.14 10.23
CA SER A 553 18.01 19.81 10.38
C SER A 553 18.86 18.97 11.33
N ASN A 554 20.18 19.09 11.22
CA ASN A 554 21.06 18.27 12.05
C ASN A 554 21.01 18.69 13.51
N ARG A 555 20.91 19.99 13.76
CA ARG A 555 20.79 20.46 15.12
C ARG A 555 19.52 19.92 15.78
N ILE A 556 18.38 19.98 15.07
CA ILE A 556 17.15 19.40 15.62
C ILE A 556 17.28 17.87 15.75
N LYS A 557 17.99 17.22 14.82
CA LYS A 557 18.06 15.76 14.82
C LYS A 557 18.78 15.22 16.05
N SER A 558 19.89 15.84 16.46
CA SER A 558 20.68 15.29 17.54
C SER A 558 19.88 15.17 18.83
N ALA A 559 19.14 16.22 19.20
CA ALA A 559 18.32 16.17 20.40
C ALA A 559 17.22 15.13 20.30
N ALA A 560 16.52 15.05 19.16
CA ALA A 560 15.42 14.12 19.02
C ALA A 560 15.92 12.67 19.05
N VAL A 561 17.10 12.42 18.49
CA VAL A 561 17.65 11.07 18.48
C VAL A 561 18.10 10.67 19.88
N ALA A 562 18.78 11.59 20.58
CA ALA A 562 19.16 11.32 21.97
C ALA A 562 17.94 11.01 22.83
N ALA A 563 16.80 11.62 22.53
CA ALA A 563 15.61 11.40 23.35
C ALA A 563 14.90 10.08 23.06
N ASP A 564 15.13 9.47 21.90
CA ASP A 564 14.44 8.23 21.57
C ASP A 564 15.00 7.08 22.39
N ASP A 565 14.14 6.43 23.17
CA ASP A 565 14.55 5.30 23.99
C ASP A 565 14.44 3.97 23.25
N PHE A 566 14.18 3.99 21.94
CA PHE A 566 13.98 2.76 21.18
C PHE A 566 15.31 2.25 20.61
N SER A 567 15.60 0.98 20.89
CA SER A 567 16.84 0.36 20.47
C SER A 567 16.68 -0.16 19.04
N LEU A 568 17.53 0.32 18.14
CA LEU A 568 17.46 -0.10 16.74
C LEU A 568 18.86 0.03 16.14
N ARG A 569 19.28 -0.99 15.39
CA ARG A 569 20.57 -0.96 14.70
C ARG A 569 20.44 -0.10 13.44
N TRP A 570 20.33 1.22 13.68
CA TRP A 570 20.15 2.18 12.59
C TRP A 570 21.22 2.03 11.50
N ASP A 571 22.46 1.72 11.90
CA ASP A 571 23.55 1.63 10.94
C ASP A 571 23.46 0.38 10.07
N ALA A 572 22.73 -0.65 10.50
CA ALA A 572 22.54 -1.82 9.67
C ALA A 572 21.37 -1.68 8.71
N ILE A 573 20.43 -0.79 9.01
CA ILE A 573 19.22 -0.62 8.22
C ILE A 573 19.34 0.53 7.23
N LEU A 574 19.99 1.63 7.62
CA LEU A 574 20.23 2.77 6.73
C LEU A 574 21.67 2.74 6.27
N ARG A 575 21.88 2.53 4.96
CA ARG A 575 23.22 2.28 4.45
C ARG A 575 24.17 3.47 4.68
N SER A 576 23.66 4.70 4.63
CA SER A 576 24.53 5.88 4.67
C SER A 576 24.76 6.45 6.07
N PHE A 577 24.26 5.80 7.13
CA PHE A 577 24.24 6.40 8.47
C PHE A 577 24.79 5.45 9.52
N ASP A 578 25.32 6.04 10.60
CA ASP A 578 25.83 5.25 11.72
C ASP A 578 24.71 5.05 12.74
N ARG A 579 25.05 4.46 13.90
CA ARG A 579 24.05 4.10 14.90
C ARG A 579 23.28 5.32 15.42
N SER A 580 23.95 6.47 15.53
CA SER A 580 23.34 7.68 16.05
C SER A 580 22.71 8.55 14.95
N LEU A 581 22.50 7.99 13.76
CA LEU A 581 21.89 8.64 12.61
C LEU A 581 22.69 9.81 12.06
N ASN A 582 24.00 9.86 12.31
CA ASN A 582 24.87 10.80 11.62
C ASN A 582 25.16 10.30 10.21
N PHE A 583 25.18 11.23 9.26
CA PHE A 583 25.52 10.87 7.89
C PHE A 583 27.02 10.55 7.79
N VAL A 584 27.35 9.45 7.12
CA VAL A 584 28.73 9.02 6.94
C VAL A 584 29.03 8.98 5.45
N GLU A 585 29.98 9.80 5.01
CA GLU A 585 30.14 10.13 3.60
C GLU A 585 30.29 8.87 2.74
N GLY A 586 31.26 8.02 3.06
CA GLY A 586 31.45 6.89 2.18
C GLY A 586 30.80 5.58 2.60
N LYS A 587 30.02 5.58 3.68
CA LYS A 587 29.58 4.32 4.28
C LYS A 587 28.72 3.52 3.32
N THR A 588 29.01 2.23 3.25
CA THR A 588 28.38 1.33 2.30
C THR A 588 27.79 0.09 2.95
N SER A 589 28.06 -0.15 4.23
CA SER A 589 27.73 -1.42 4.85
C SER A 589 26.28 -1.45 5.29
N ARG A 590 25.70 -2.65 5.26
CA ARG A 590 24.28 -2.84 5.53
C ARG A 590 24.04 -4.32 5.75
N ASP A 591 22.93 -4.63 6.43
CA ASP A 591 22.46 -6.01 6.48
C ASP A 591 22.05 -6.47 5.08
N ILE A 592 22.21 -7.77 4.83
CA ILE A 592 21.79 -8.38 3.57
C ILE A 592 20.75 -9.45 3.91
N TYR A 593 19.50 -9.24 3.46
CA TYR A 593 18.40 -10.12 3.78
C TYR A 593 17.87 -10.90 2.58
N THR A 594 18.32 -10.60 1.37
CA THR A 594 17.72 -11.10 0.14
C THR A 594 18.81 -11.49 -0.85
N ARG A 595 18.40 -12.27 -1.86
CA ARG A 595 19.26 -12.66 -2.98
C ARG A 595 18.38 -12.89 -4.21
N GLN A 596 19.01 -12.82 -5.38
CA GLN A 596 18.32 -13.00 -6.65
C GLN A 596 18.50 -14.42 -7.14
N CYS A 597 17.39 -15.08 -7.52
CA CYS A 597 17.49 -16.40 -8.11
C CYS A 597 18.27 -16.32 -9.42
N SER A 598 19.28 -17.18 -9.56
CA SER A 598 20.08 -17.18 -10.78
C SER A 598 19.28 -17.72 -11.97
N GLY A 599 18.22 -18.46 -11.72
CA GLY A 599 17.45 -19.10 -12.77
C GLY A 599 16.39 -18.21 -13.39
N CYS A 600 15.55 -17.59 -12.56
CA CYS A 600 14.44 -16.79 -13.04
C CYS A 600 14.57 -15.30 -12.75
N GLY A 601 15.52 -14.89 -11.90
CA GLY A 601 15.68 -13.49 -11.55
C GLY A 601 14.84 -12.99 -10.38
N ALA A 602 13.97 -13.83 -9.82
CA ALA A 602 13.10 -13.38 -8.74
C ALA A 602 13.91 -13.17 -7.46
N TRP A 603 13.54 -12.14 -6.70
CA TRP A 603 14.20 -11.84 -5.43
C TRP A 603 13.61 -12.66 -4.30
N LEU A 604 14.49 -13.19 -3.44
CA LEU A 604 14.14 -14.16 -2.42
C LEU A 604 14.62 -13.71 -1.05
N GLN A 605 13.94 -14.18 -0.01
CA GLN A 605 14.35 -13.94 1.37
C GLN A 605 15.32 -15.03 1.82
N LEU A 606 16.37 -14.64 2.54
CA LEU A 606 17.32 -15.58 3.09
C LEU A 606 16.81 -16.10 4.43
N ARG A 607 16.59 -17.41 4.50
CA ARG A 607 16.27 -18.07 5.76
C ARG A 607 16.59 -19.55 5.58
N PRO A 608 17.00 -20.23 6.65
CA PRO A 608 17.51 -21.61 6.48
C PRO A 608 16.48 -22.60 5.98
N ASP A 609 15.20 -22.40 6.27
CA ASP A 609 14.19 -23.40 5.93
C ASP A 609 13.61 -23.21 4.53
N TRP A 610 14.06 -22.21 3.76
CA TRP A 610 13.65 -22.02 2.37
C TRP A 610 14.87 -22.20 1.48
N LYS A 611 15.08 -23.42 1.00
CA LYS A 611 16.22 -23.70 0.12
C LYS A 611 15.90 -23.49 -1.35
N LYS A 612 14.63 -23.54 -1.75
CA LYS A 612 14.25 -23.41 -3.15
C LYS A 612 13.62 -22.05 -3.40
N CYS A 613 13.85 -21.52 -4.61
CA CYS A 613 13.15 -20.33 -5.08
C CYS A 613 11.63 -20.55 -5.02
N HIS A 614 10.93 -19.64 -4.34
CA HIS A 614 9.47 -19.73 -4.22
C HIS A 614 8.77 -19.40 -5.54
N SER A 615 9.49 -18.87 -6.52
CA SER A 615 8.89 -18.39 -7.75
C SER A 615 9.00 -19.40 -8.88
N CYS A 616 10.18 -20.00 -9.08
CA CYS A 616 10.36 -21.02 -10.11
C CYS A 616 10.68 -22.40 -9.57
N GLY A 617 11.05 -22.52 -8.29
CA GLY A 617 11.33 -23.81 -7.70
C GLY A 617 12.78 -24.27 -7.78
N LEU A 618 13.66 -23.49 -8.42
CA LEU A 618 15.05 -23.88 -8.54
C LEU A 618 15.71 -23.94 -7.17
N LEU A 619 16.35 -25.07 -6.88
CA LEU A 619 17.02 -25.25 -5.61
C LEU A 619 18.28 -24.39 -5.56
N GLY A 620 18.34 -23.48 -4.59
CA GLY A 620 19.57 -22.78 -4.31
C GLY A 620 20.46 -23.57 -3.37
N THR A 621 21.75 -23.26 -3.38
CA THR A 621 22.66 -23.99 -2.51
C THR A 621 22.45 -23.61 -1.05
N GLU A 622 22.77 -24.56 -0.16
CA GLU A 622 22.58 -24.36 1.29
C GLU A 622 23.25 -23.10 1.81
N PRO A 623 24.51 -22.79 1.50
CA PRO A 623 25.14 -21.59 2.11
C PRO A 623 24.42 -20.29 1.82
N GLN A 624 23.99 -20.04 0.57
CA GLN A 624 23.37 -18.77 0.21
C GLN A 624 22.20 -18.37 1.12
N THR A 625 21.70 -19.30 1.93
CA THR A 625 20.53 -19.10 2.78
C THR A 625 20.82 -18.21 3.99
N ALA A 626 22.09 -17.83 4.24
CA ALA A 626 22.48 -17.16 5.46
C ALA A 626 22.41 -15.64 5.31
N VAL A 627 21.64 -15.00 6.19
CA VAL A 627 21.62 -13.55 6.33
C VAL A 627 23.01 -13.06 6.74
N THR A 628 23.38 -11.87 6.27
CA THR A 628 24.59 -11.17 6.72
C THR A 628 24.18 -10.00 7.61
N PHE A 629 24.55 -10.06 8.89
CA PHE A 629 24.35 -8.97 9.84
C PHE A 629 25.63 -8.15 9.94
N ASP A 630 25.56 -6.89 9.52
CA ASP A 630 26.69 -5.95 9.62
C ASP A 630 26.19 -4.67 10.27
N PRO A 631 26.57 -4.38 11.52
CA PRO A 631 27.52 -5.15 12.35
C PRO A 631 26.99 -6.52 12.79
N PRO A 632 27.90 -7.42 13.18
CA PRO A 632 27.50 -8.80 13.48
C PRO A 632 26.48 -8.88 14.61
N LEU A 633 25.68 -9.94 14.55
CA LEU A 633 24.86 -10.41 15.65
C LEU A 633 25.40 -11.76 16.13
N THR A 634 25.46 -11.94 17.44
CA THR A 634 25.77 -13.26 17.98
C THR A 634 24.65 -14.24 17.62
N ALA A 635 24.94 -15.53 17.79
CA ALA A 635 23.89 -16.54 17.61
C ALA A 635 22.71 -16.27 18.53
N GLU A 636 22.98 -15.85 19.77
CA GLU A 636 21.92 -15.57 20.73
C GLU A 636 21.12 -14.32 20.32
N GLU A 637 21.80 -13.25 19.91
CA GLU A 637 21.09 -12.04 19.49
C GLU A 637 20.20 -12.32 18.30
N GLU A 638 20.69 -13.10 17.33
CA GLU A 638 19.87 -13.47 16.19
C GLU A 638 18.68 -14.32 16.62
N ALA A 639 18.90 -15.23 17.57
CA ALA A 639 17.79 -16.05 18.07
C ALA A 639 16.76 -15.20 18.78
N LEU A 640 17.22 -14.20 19.55
CA LEU A 640 16.32 -13.31 20.29
C LEU A 640 15.47 -12.46 19.34
N LEU A 641 16.07 -11.94 18.28
CA LEU A 641 15.31 -11.14 17.31
C LEU A 641 14.20 -11.98 16.67
N TYR A 642 14.57 -13.12 16.09
CA TYR A 642 13.58 -14.02 15.48
C TYR A 642 12.50 -14.44 16.47
N ALA A 643 12.87 -14.60 17.76
CA ALA A 643 11.90 -15.04 18.76
C ALA A 643 10.76 -14.06 18.93
N ALA A 644 11.03 -12.77 18.78
CA ALA A 644 10.00 -11.75 18.97
C ALA A 644 9.00 -11.67 17.82
N TRP A 645 9.19 -12.40 16.73
CA TRP A 645 8.38 -12.23 15.54
C TRP A 645 7.66 -13.49 15.08
N ASN A 646 7.67 -14.56 15.87
CA ASN A 646 6.97 -15.78 15.47
C ASN A 646 5.46 -15.55 15.44
N THR A 647 4.83 -15.36 16.60
CA THR A 647 3.40 -15.13 16.69
C THR A 647 3.13 -13.86 17.50
N ALA A 648 2.03 -13.18 17.15
CA ALA A 648 1.65 -11.96 17.82
C ALA A 648 1.16 -12.26 19.24
N PRO A 649 1.24 -11.27 20.13
CA PRO A 649 0.76 -11.49 21.50
C PRO A 649 -0.75 -11.65 21.56
N LYS A 650 -1.20 -12.49 22.47
CA LYS A 650 -2.62 -12.52 22.76
C LYS A 650 -3.05 -11.16 23.31
N TYR A 651 -4.35 -10.91 23.24
CA TYR A 651 -4.91 -9.63 23.67
C TYR A 651 -4.95 -9.56 25.19
N ASP A 652 -4.32 -8.53 25.75
CA ASP A 652 -4.34 -8.25 27.18
C ASP A 652 -5.01 -6.90 27.42
N PRO A 653 -6.25 -6.86 27.95
CA PRO A 653 -6.94 -5.57 28.10
C PRO A 653 -6.35 -4.65 29.17
N SER A 654 -5.18 -5.00 29.72
CA SER A 654 -4.49 -4.14 30.68
C SER A 654 -3.14 -3.64 30.19
N LYS A 655 -2.62 -4.15 29.08
CA LYS A 655 -1.38 -3.63 28.52
C LYS A 655 -1.57 -2.21 28.01
N GLU A 656 -0.56 -1.37 28.24
CA GLU A 656 -0.52 -0.07 27.59
C GLU A 656 0.02 -0.24 26.18
N LEU A 657 -0.60 0.42 25.23
CA LEU A 657 -0.16 0.34 23.84
C LEU A 657 1.12 1.15 23.67
N LYS A 658 2.17 0.50 23.16
CA LYS A 658 3.42 1.16 22.86
C LYS A 658 3.36 1.81 21.47
N LEU A 659 3.59 3.12 21.42
CA LEU A 659 3.37 3.88 20.20
C LEU A 659 4.45 3.62 19.17
N PRO A 660 4.14 3.76 17.87
CA PRO A 660 5.15 3.56 16.83
C PRO A 660 6.17 4.69 16.68
N THR A 661 5.89 5.88 17.19
CA THR A 661 6.66 7.10 17.01
C THR A 661 7.77 7.22 18.06
N PRO A 662 8.76 8.10 17.86
CA PRO A 662 9.87 8.19 18.82
C PRO A 662 9.44 8.74 20.17
N THR A 663 10.25 8.42 21.18
CA THR A 663 9.97 8.85 22.54
C THR A 663 10.00 10.37 22.67
N ARG A 664 9.03 10.91 23.41
CA ARG A 664 8.99 12.35 23.66
C ARG A 664 10.13 12.75 24.60
N PRO A 665 10.58 14.02 24.51
CA PRO A 665 11.74 14.44 25.32
C PRO A 665 11.41 14.75 26.79
N ALA A 666 10.16 15.04 27.12
CA ALA A 666 9.73 15.29 28.52
C ALA A 666 10.32 16.56 29.16
PA FAD B . -10.17 1.93 -5.02
O1A FAD B . -9.07 0.89 -5.01
O2A FAD B . -10.15 3.09 -5.98
O5B FAD B . -11.56 1.14 -5.12
C5B FAD B . -12.79 1.85 -5.19
C4B FAD B . -13.77 0.83 -5.76
O4B FAD B . -15.07 1.39 -5.77
C3B FAD B . -13.44 0.45 -7.21
O3B FAD B . -13.12 -0.96 -7.23
C2B FAD B . -14.68 0.82 -8.00
O2B FAD B . -15.05 -0.14 -9.00
C1B FAD B . -15.73 0.83 -6.90
N9A FAD B . -16.93 1.62 -7.17
C8A FAD B . -16.99 2.91 -7.56
N7A FAD B . -18.30 3.31 -7.67
C5A FAD B . -19.06 2.25 -7.32
C6A FAD B . -20.51 1.97 -7.22
N6A FAD B . -21.43 2.92 -7.51
N1A FAD B . -20.88 0.72 -6.83
C2A FAD B . -19.98 -0.25 -6.55
N3A FAD B . -18.65 -0.06 -6.63
C4A FAD B . -18.16 1.14 -7.00
N1 FAD B . -0.77 3.45 -2.49
C2 FAD B . 0.13 2.60 -1.93
O2 FAD B . -0.14 2.12 -0.80
N3 FAD B . 1.28 2.27 -2.53
C4 FAD B . 1.64 2.78 -3.73
O4 FAD B . 2.72 2.45 -4.27
C4X FAD B . 0.72 3.72 -4.40
N5 FAD B . 1.00 4.27 -5.61
C5X FAD B . 0.14 5.13 -6.19
C6 FAD B . 0.44 5.70 -7.42
C7 FAD B . -0.42 6.59 -8.05
C7M FAD B . -0.05 7.19 -9.39
C8 FAD B . -1.70 6.94 -7.39
C8M FAD B . -2.63 7.89 -8.07
C9 FAD B . -2.03 6.36 -6.15
C9A FAD B . -1.15 5.47 -5.54
N10 FAD B . -1.46 4.90 -4.28
C10 FAD B . -0.54 4.01 -3.70
C1' FAD B . -2.73 5.18 -3.63
C2' FAD B . -3.66 3.95 -3.87
O2' FAD B . -3.84 3.63 -5.26
C3' FAD B . -5.05 4.13 -3.23
O3' FAD B . -4.85 4.62 -1.91
C4' FAD B . -5.90 2.86 -3.10
O4' FAD B . -6.05 2.14 -4.35
C5' FAD B . -7.28 3.21 -2.54
O5' FAD B . -8.10 2.04 -2.55
P FAD B . -9.65 2.14 -2.17
O1P FAD B . -10.14 0.73 -1.86
O2P FAD B . -9.90 3.29 -1.21
O3P FAD B . -10.31 2.64 -3.56
CD CD C . -12.96 -32.24 -10.27
CD CD D . 17.46 31.65 5.76
CD CD E . 28.38 24.93 1.00
ZN ZN F . 13.68 -18.84 -9.46
S SO4 G . -0.70 20.01 -16.80
O1 SO4 G . -1.87 20.10 -17.65
O2 SO4 G . 0.27 21.06 -17.16
O3 SO4 G . -1.11 20.18 -15.40
O4 SO4 G . -0.07 18.70 -16.98
S SO4 H . 17.48 -10.05 -19.11
O1 SO4 H . 17.90 -11.23 -19.86
O2 SO4 H . 17.38 -8.90 -20.01
O3 SO4 H . 18.45 -9.77 -18.05
O4 SO4 H . 16.16 -10.32 -18.52
S SO4 I . -11.88 20.28 -7.95
O1 SO4 I . -12.60 19.25 -8.71
O2 SO4 I . -10.51 20.37 -8.47
O3 SO4 I . -12.54 21.56 -8.14
O4 SO4 I . -11.90 19.92 -6.53
S SO4 J . 7.96 -26.72 -7.72
O1 SO4 J . 8.00 -28.13 -8.09
O2 SO4 J . 8.24 -25.89 -8.89
O3 SO4 J . 8.94 -26.46 -6.67
O4 SO4 J . 6.62 -26.42 -7.21
S SO4 K . -25.41 13.97 6.69
O1 SO4 K . -26.37 14.44 5.69
O2 SO4 K . -24.10 14.56 6.43
O3 SO4 K . -25.87 14.39 8.01
O4 SO4 K . -25.31 12.51 6.62
S SO4 L . -31.85 -12.60 3.16
O1 SO4 L . -32.19 -12.68 1.73
O2 SO4 L . -30.48 -13.08 3.35
O3 SO4 L . -31.96 -11.23 3.64
O4 SO4 L . -32.77 -13.46 3.91
CL CL M . 7.11 2.66 -0.13
N PM7 N . 13.49 -4.34 10.04
C PM7 N . 13.68 -5.29 10.96
O PM7 N . 14.28 -6.33 10.74
C1 PM7 N . 13.04 -4.95 12.32
C10 PM7 N . 9.32 1.69 7.26
C11 PM7 N . 8.76 1.04 8.35
C12 PM7 N . 9.49 0.02 8.95
C13 PM7 N . 10.21 -1.68 10.22
C14 PM7 N . 10.18 -2.75 11.29
C15 PM7 N . 10.34 -2.06 12.66
C16 PM7 N . 8.81 -3.42 11.27
C17 PM7 N . 13.49 -2.60 11.65
C18 PM7 N . 14.89 -3.93 13.22
C19 PM7 N . 14.67 -5.16 14.09
C2 PM7 N . 11.53 -4.83 12.05
C20 PM7 N . 13.48 -5.88 13.47
C3 PM7 N . 11.32 -3.77 10.96
C4 PM7 N . 12.71 -3.18 10.46
C5 PM7 N . 12.48 -2.24 9.26
C6 PM7 N . 11.21 -1.45 9.32
C7 PM7 N . 10.77 -0.36 8.49
C8 PM7 N . 11.31 0.32 7.39
C9 PM7 N . 10.58 1.33 6.79
N1 PM7 N . 9.17 -0.81 10.01
N2 PM7 N . 13.55 -3.62 12.71
N PM7 O . -9.33 1.17 25.95
C PM7 O . -8.80 0.87 27.14
O PM7 O . -9.32 0.10 27.93
C1 PM7 O . -7.47 1.58 27.39
C10 PM7 O . -8.39 5.23 19.31
C11 PM7 O . -8.00 5.91 20.45
C12 PM7 O . -8.16 5.27 21.68
C13 PM7 O . -8.18 4.69 23.84
C14 PM7 O . -7.92 4.74 25.34
C15 PM7 O . -6.40 4.92 25.50
C16 PM7 O . -8.60 5.97 25.95
C17 PM7 O . -7.17 1.49 24.93
C18 PM7 O . -6.20 -0.13 26.55
C19 PM7 O . -5.89 -0.12 28.05
C2 PM7 O . -7.75 3.10 27.35
C20 PM7 O . -6.70 1.05 28.62
C3 PM7 O . -8.44 3.43 26.02
C4 PM7 O . -8.55 2.12 25.13
C5 PM7 O . -9.31 2.43 23.84
C6 PM7 O . -8.73 3.64 23.17
C7 PM7 O . -8.71 3.98 21.78
C8 PM7 O . -9.09 3.32 20.61
C9 PM7 O . -8.92 3.95 19.39
N1 PM7 O . -7.84 5.69 22.96
N2 PM7 O . -6.58 1.26 26.25
#